data_3EY0
# 
_entry.id   3EY0 
# 
_audit_conform.dict_name       mmcif_pdbx.dic 
_audit_conform.dict_version    5.389 
_audit_conform.dict_location   http://mmcif.pdb.org/dictionaries/ascii/mmcif_pdbx.dic 
# 
loop_
_database_2.database_id 
_database_2.database_code 
_database_2.pdbx_database_accession 
_database_2.pdbx_DOI 
PDB   3EY0         pdb_00003ey0 10.2210/pdb3ey0/pdb 
NDB   DD0102       ?            ?                   
RCSB  RCSB049908   ?            ?                   
WWPDB D_1000049908 ?            ?                   
# 
loop_
_pdbx_audit_revision_history.ordinal 
_pdbx_audit_revision_history.data_content_type 
_pdbx_audit_revision_history.major_revision 
_pdbx_audit_revision_history.minor_revision 
_pdbx_audit_revision_history.revision_date 
1 'Structure model' 1 0 2009-10-27 
2 'Structure model' 1 1 2011-07-13 
3 'Structure model' 1 2 2023-12-27 
4 'Structure model' 1 3 2024-04-03 
# 
_pdbx_audit_revision_details.ordinal             1 
_pdbx_audit_revision_details.revision_ordinal    1 
_pdbx_audit_revision_details.data_content_type   'Structure model' 
_pdbx_audit_revision_details.provider            repository 
_pdbx_audit_revision_details.type                'Initial release' 
_pdbx_audit_revision_details.description         ? 
_pdbx_audit_revision_details.details             ? 
# 
loop_
_pdbx_audit_revision_group.ordinal 
_pdbx_audit_revision_group.revision_ordinal 
_pdbx_audit_revision_group.data_content_type 
_pdbx_audit_revision_group.group 
1 2 'Structure model' Advisory                    
2 2 'Structure model' 'Refinement description'    
3 2 'Structure model' 'Version format compliance' 
4 3 'Structure model' 'Data collection'           
5 3 'Structure model' 'Database references'       
6 3 'Structure model' 'Derived calculations'      
7 4 'Structure model' 'Refinement description'    
# 
loop_
_pdbx_audit_revision_category.ordinal 
_pdbx_audit_revision_category.revision_ordinal 
_pdbx_audit_revision_category.data_content_type 
_pdbx_audit_revision_category.category 
1 3 'Structure model' chem_comp_atom                
2 3 'Structure model' chem_comp_bond                
3 3 'Structure model' database_2                    
4 3 'Structure model' pdbx_struct_conn_angle        
5 3 'Structure model' struct_conn                   
6 3 'Structure model' struct_site                   
7 4 'Structure model' pdbx_initial_refinement_model 
# 
loop_
_pdbx_audit_revision_item.ordinal 
_pdbx_audit_revision_item.revision_ordinal 
_pdbx_audit_revision_item.data_content_type 
_pdbx_audit_revision_item.item 
1  3 'Structure model' '_database_2.pdbx_DOI'                        
2  3 'Structure model' '_database_2.pdbx_database_accession'         
3  3 'Structure model' '_pdbx_struct_conn_angle.ptnr1_auth_asym_id'  
4  3 'Structure model' '_pdbx_struct_conn_angle.ptnr1_auth_seq_id'   
5  3 'Structure model' '_pdbx_struct_conn_angle.ptnr1_label_asym_id' 
6  3 'Structure model' '_pdbx_struct_conn_angle.ptnr3_auth_asym_id'  
7  3 'Structure model' '_pdbx_struct_conn_angle.ptnr3_auth_seq_id'   
8  3 'Structure model' '_pdbx_struct_conn_angle.ptnr3_label_asym_id' 
9  3 'Structure model' '_pdbx_struct_conn_angle.value'               
10 3 'Structure model' '_struct_conn.pdbx_dist_value'                
11 3 'Structure model' '_struct_conn.ptnr1_auth_asym_id'             
12 3 'Structure model' '_struct_conn.ptnr1_auth_comp_id'             
13 3 'Structure model' '_struct_conn.ptnr1_auth_seq_id'              
14 3 'Structure model' '_struct_conn.ptnr1_label_asym_id'            
15 3 'Structure model' '_struct_conn.ptnr1_label_atom_id'            
16 3 'Structure model' '_struct_conn.ptnr1_label_comp_id'            
17 3 'Structure model' '_struct_conn.ptnr2_auth_asym_id'             
18 3 'Structure model' '_struct_conn.ptnr2_auth_comp_id'             
19 3 'Structure model' '_struct_conn.ptnr2_auth_seq_id'              
20 3 'Structure model' '_struct_conn.ptnr2_label_asym_id'            
21 3 'Structure model' '_struct_conn.ptnr2_label_atom_id'            
22 3 'Structure model' '_struct_conn.ptnr2_label_comp_id'            
23 3 'Structure model' '_struct_site.pdbx_auth_asym_id'              
24 3 'Structure model' '_struct_site.pdbx_auth_comp_id'              
25 3 'Structure model' '_struct_site.pdbx_auth_seq_id'               
# 
_pdbx_database_status.status_code                     REL 
_pdbx_database_status.entry_id                        3EY0 
_pdbx_database_status.recvd_initial_deposition_date   2008-10-17 
_pdbx_database_status.deposit_site                    RCSB 
_pdbx_database_status.process_site                    RCSB 
_pdbx_database_status.status_code_sf                  REL 
_pdbx_database_status.status_code_mr                  ? 
_pdbx_database_status.SG_entry                        ? 
_pdbx_database_status.pdb_format_compatible           Y 
_pdbx_database_status.status_code_cs                  ? 
_pdbx_database_status.status_code_nmr_data            ? 
_pdbx_database_status.methods_development_category    ? 
# 
loop_
_audit_author.name 
_audit_author.pdbx_ordinal 
'Pous, J.'       1 
'Moreno, T.'     2 
'Subirana, J.A.' 3 
'Campos, J.L.'   4 
# 
_citation.id                        primary 
_citation.title                     'Coiled-coil conformation of a pentamidine-DNA complex' 
_citation.journal_abbrev            'Acta Crystallogr.,Sect.D' 
_citation.journal_volume            66 
_citation.page_first                251 
_citation.page_last                 257 
_citation.year                      2010 
_citation.journal_id_ASTM           ABCRE6 
_citation.country                   DK 
_citation.journal_id_ISSN           0907-4449 
_citation.journal_id_CSD            0766 
_citation.book_publisher            ? 
_citation.pdbx_database_id_PubMed   20179336 
_citation.pdbx_database_id_DOI      10.1107/S0907444909055693 
# 
loop_
_citation_author.citation_id 
_citation_author.name 
_citation_author.ordinal 
_citation_author.identifier_ORCID 
primary 'Moreno, T.'     1 ? 
primary 'Pous, J.'       2 ? 
primary 'Subirana, J.A.' 3 ? 
primary 'Campos, J.L.'   4 ? 
# 
loop_
_entity.id 
_entity.type 
_entity.src_method 
_entity.pdbx_description 
_entity.formula_weight 
_entity.pdbx_number_of_molecules 
_entity.pdbx_ec 
_entity.pdbx_mutation 
_entity.pdbx_fragment 
_entity.details 
1 polymer     syn "5'-D(*DAP*DTP*DAP*DTP*DAP*DTP*DAP*DTP*DAP*DT)-3'" 3042.041 2  ? ? ? ? 
2 non-polymer syn '1,5-BIS(4-AMIDINOPHENOXY)PENTANE'                 340.419  1  ? ? ? ? 
3 non-polymer syn 'MAGNESIUM ION'                                    24.305   1  ? ? ? ? 
4 water       nat water                                              18.015   51 ? ? ? ? 
# 
_entity_poly.entity_id                      1 
_entity_poly.type                           polydeoxyribonucleotide 
_entity_poly.nstd_linkage                   no 
_entity_poly.nstd_monomer                   no 
_entity_poly.pdbx_seq_one_letter_code       '(DA)(DT)(DA)(DT)(DA)(DT)(DA)(DT)(DA)(DT)' 
_entity_poly.pdbx_seq_one_letter_code_can   ATATATATAT 
_entity_poly.pdbx_strand_id                 A,B 
_entity_poly.pdbx_target_identifier         ? 
# 
loop_
_pdbx_entity_nonpoly.entity_id 
_pdbx_entity_nonpoly.name 
_pdbx_entity_nonpoly.comp_id 
2 '1,5-BIS(4-AMIDINOPHENOXY)PENTANE' PNT 
3 'MAGNESIUM ION'                    MG  
4 water                              HOH 
# 
loop_
_entity_poly_seq.entity_id 
_entity_poly_seq.num 
_entity_poly_seq.mon_id 
_entity_poly_seq.hetero 
1 1  DA n 
1 2  DT n 
1 3  DA n 
1 4  DT n 
1 5  DA n 
1 6  DT n 
1 7  DA n 
1 8  DT n 
1 9  DA n 
1 10 DT n 
# 
_pdbx_entity_src_syn.entity_id              1 
_pdbx_entity_src_syn.pdbx_src_id            1 
_pdbx_entity_src_syn.pdbx_alt_source_flag   sample 
_pdbx_entity_src_syn.pdbx_beg_seq_num       ? 
_pdbx_entity_src_syn.pdbx_end_seq_num       ? 
_pdbx_entity_src_syn.organism_scientific    ? 
_pdbx_entity_src_syn.organism_common_name   ? 
_pdbx_entity_src_syn.ncbi_taxonomy_id       ? 
_pdbx_entity_src_syn.details                'Synthesized by using phosphoramiditine method' 
# 
loop_
_chem_comp.id 
_chem_comp.type 
_chem_comp.mon_nstd_flag 
_chem_comp.name 
_chem_comp.pdbx_synonyms 
_chem_comp.formula 
_chem_comp.formula_weight 
DA  'DNA linking' y "2'-DEOXYADENOSINE-5'-MONOPHOSPHATE" ? 'C10 H14 N5 O6 P' 331.222 
DT  'DNA linking' y "THYMIDINE-5'-MONOPHOSPHATE"         ? 'C10 H15 N2 O8 P' 322.208 
HOH non-polymer   . WATER                                ? 'H2 O'            18.015  
MG  non-polymer   . 'MAGNESIUM ION'                      ? 'Mg 2'            24.305  
PNT non-polymer   . '1,5-BIS(4-AMIDINOPHENOXY)PENTANE'   ? 'C19 H24 N4 O2'   340.419 
# 
loop_
_pdbx_poly_seq_scheme.asym_id 
_pdbx_poly_seq_scheme.entity_id 
_pdbx_poly_seq_scheme.seq_id 
_pdbx_poly_seq_scheme.mon_id 
_pdbx_poly_seq_scheme.ndb_seq_num 
_pdbx_poly_seq_scheme.pdb_seq_num 
_pdbx_poly_seq_scheme.auth_seq_num 
_pdbx_poly_seq_scheme.pdb_mon_id 
_pdbx_poly_seq_scheme.auth_mon_id 
_pdbx_poly_seq_scheme.pdb_strand_id 
_pdbx_poly_seq_scheme.pdb_ins_code 
_pdbx_poly_seq_scheme.hetero 
A 1 1  DA 1  1  1  DA A A . n 
A 1 2  DT 2  2  2  DT T A . n 
A 1 3  DA 3  3  3  DA A A . n 
A 1 4  DT 4  4  4  DT T A . n 
A 1 5  DA 5  5  5  DA A A . n 
A 1 6  DT 6  6  6  DT T A . n 
A 1 7  DA 7  7  7  DA A A . n 
A 1 8  DT 8  8  8  DT T A . n 
A 1 9  DA 9  9  9  DA A A . n 
A 1 10 DT 10 10 10 DT T A . n 
B 1 1  DA 1  1  1  DA A B . n 
B 1 2  DT 2  2  2  DT T B . n 
B 1 3  DA 3  3  3  DA A B . n 
B 1 4  DT 4  4  4  DT T B . n 
B 1 5  DA 5  5  5  DA A B . n 
B 1 6  DT 6  6  6  DT T B . n 
B 1 7  DA 7  7  7  DA A B . n 
B 1 8  DT 8  8  8  DT T B . n 
B 1 9  DA 9  9  9  DA A B . n 
B 1 10 DT 10 10 10 DT T B . n 
# 
loop_
_pdbx_nonpoly_scheme.asym_id 
_pdbx_nonpoly_scheme.entity_id 
_pdbx_nonpoly_scheme.mon_id 
_pdbx_nonpoly_scheme.ndb_seq_num 
_pdbx_nonpoly_scheme.pdb_seq_num 
_pdbx_nonpoly_scheme.auth_seq_num 
_pdbx_nonpoly_scheme.pdb_mon_id 
_pdbx_nonpoly_scheme.auth_mon_id 
_pdbx_nonpoly_scheme.pdb_strand_id 
_pdbx_nonpoly_scheme.pdb_ins_code 
C 2 PNT 1  11 1  PNT PNT A . 
D 3 MG  1  11 1  MG  MG  B . 
E 4 HOH 1  12 4  HOH HOH A . 
E 4 HOH 2  13 5  HOH HOH A . 
E 4 HOH 3  14 9  HOH HOH A . 
E 4 HOH 4  15 11 HOH HOH A . 
E 4 HOH 5  16 13 HOH HOH A . 
E 4 HOH 6  17 15 HOH HOH A . 
E 4 HOH 7  18 17 HOH HOH A . 
E 4 HOH 8  19 18 HOH HOH A . 
E 4 HOH 9  20 19 HOH HOH A . 
E 4 HOH 10 21 29 HOH HOH A . 
E 4 HOH 11 22 35 HOH HOH A . 
E 4 HOH 12 23 41 HOH HOH A . 
E 4 HOH 13 24 43 HOH HOH A . 
E 4 HOH 14 25 57 HOH HOH A . 
E 4 HOH 15 26 58 HOH HOH A . 
E 4 HOH 16 27 66 HOH HOH A . 
E 4 HOH 17 28 67 HOH HOH A . 
E 4 HOH 18 29 68 HOH HOH A . 
E 4 HOH 19 30 70 HOH HOH A . 
E 4 HOH 20 32 79 HOH HOH A . 
E 4 HOH 21 33 80 HOH HOH A . 
E 4 HOH 22 34 81 HOH HOH A . 
E 4 HOH 23 35 82 HOH HOH A . 
E 4 HOH 24 36 83 HOH HOH A . 
E 4 HOH 25 37 84 HOH HOH A . 
E 4 HOH 26 38 86 HOH HOH A . 
E 4 HOH 27 39 87 HOH HOH A . 
F 4 HOH 1  31 77 HOH HOH B . 
F 4 HOH 2  32 1  HOH HOH B . 
F 4 HOH 3  33 2  HOH HOH B . 
F 4 HOH 4  34 3  HOH HOH B . 
F 4 HOH 5  35 7  HOH HOH B . 
F 4 HOH 6  36 12 HOH HOH B . 
F 4 HOH 7  37 14 HOH HOH B . 
F 4 HOH 8  38 22 HOH HOH B . 
F 4 HOH 9  39 25 HOH HOH B . 
F 4 HOH 10 40 27 HOH HOH B . 
F 4 HOH 11 41 28 HOH HOH B . 
F 4 HOH 12 42 30 HOH HOH B . 
F 4 HOH 13 43 31 HOH HOH B . 
F 4 HOH 14 44 59 HOH HOH B . 
F 4 HOH 15 45 60 HOH HOH B . 
F 4 HOH 16 46 61 HOH HOH B . 
F 4 HOH 17 47 63 HOH HOH B . 
F 4 HOH 18 48 64 HOH HOH B . 
F 4 HOH 19 49 71 HOH HOH B . 
F 4 HOH 20 50 72 HOH HOH B . 
F 4 HOH 21 51 73 HOH HOH B . 
F 4 HOH 22 52 74 HOH HOH B . 
F 4 HOH 23 53 78 HOH HOH B . 
F 4 HOH 24 54 88 HOH HOH B . 
# 
loop_
_software.name 
_software.classification 
_software.version 
_software.citation_id 
_software.pdbx_ordinal 
ADSC     'data collection' Quantum  ? 1 
AMoRE    phasing           .        ? 2 
REFMAC   refinement        5.4.0069 ? 3 
HKL-2000 'data reduction'  .        ? 4 
HKL-2000 'data scaling'    .        ? 5 
# 
_cell.entry_id           3EY0 
_cell.length_a           27.789 
_cell.length_b           27.789 
_cell.length_c           311.950 
_cell.angle_alpha        90.00 
_cell.angle_beta         90.00 
_cell.angle_gamma        120.00 
_cell.Z_PDB              24 
_cell.pdbx_unique_axis   ? 
_cell.length_a_esd       ? 
_cell.length_b_esd       ? 
_cell.length_c_esd       ? 
_cell.angle_alpha_esd    ? 
_cell.angle_beta_esd     ? 
_cell.angle_gamma_esd    ? 
# 
_symmetry.entry_id                         3EY0 
_symmetry.space_group_name_H-M             'P 65 2 2' 
_symmetry.pdbx_full_space_group_name_H-M   ? 
_symmetry.cell_setting                     ? 
_symmetry.Int_Tables_number                179 
_symmetry.space_group_name_Hall            ? 
# 
_exptl.entry_id          3EY0 
_exptl.method            'X-RAY DIFFRACTION' 
_exptl.crystals_number   1 
# 
_exptl_crystal.id                    1 
_exptl_crystal.density_meas          ? 
_exptl_crystal.density_Matthews      2.86 
_exptl_crystal.density_percent_sol   56.95 
_exptl_crystal.description           ? 
_exptl_crystal.F_000                 ? 
_exptl_crystal.preparation           ? 
# 
_exptl_crystal_grow.crystal_id      1 
_exptl_crystal_grow.method          'VAPOR DIFFUSION, HANGING DROP' 
_exptl_crystal_grow.temp            278.15 
_exptl_crystal_grow.temp_details    ? 
_exptl_crystal_grow.pH              6.0 
_exptl_crystal_grow.pdbx_details    
'20 mM MgCl2, 50 mM MES, 15% Isopropanol, 3.62 mM ds-DNA, 16.86 mM PNT, pH 6.0, VAPOR DIFFUSION, HANGING DROP, temperature 278.15K' 
_exptl_crystal_grow.pdbx_pH_range   ? 
# 
loop_
_exptl_crystal_grow_comp.crystal_id 
_exptl_crystal_grow_comp.id 
_exptl_crystal_grow_comp.sol_id 
_exptl_crystal_grow_comp.name 
_exptl_crystal_grow_comp.volume 
_exptl_crystal_grow_comp.conc 
_exptl_crystal_grow_comp.details 
1 1 1 MgCl2       ? ? ? 
1 2 1 MES         ? ? ? 
1 3 1 Isopropanol ? ? ? 
1 4 1 ds-DNA      ? ? ? 
1 5 1 PNT         ? ? ? 
1 6 2 MgCl2       ? ? ? 
1 7 2 MES         ? ? ? 
1 8 2 Isopropanol ? ? ? 
1 9 2 PNT         ? ? ? 
# 
_diffrn.id                     1 
_diffrn.ambient_temp           104 
_diffrn.ambient_temp_details   ? 
_diffrn.crystal_id             1 
# 
_diffrn_detector.diffrn_id              1 
_diffrn_detector.detector               CCD 
_diffrn_detector.type                   'ADSC QUANTUM 210' 
_diffrn_detector.pdbx_collection_date   2008-04-24 
_diffrn_detector.details                Mirrors 
# 
_diffrn_radiation.diffrn_id                        1 
_diffrn_radiation.wavelength_id                    1 
_diffrn_radiation.pdbx_monochromatic_or_laue_m_l   M 
_diffrn_radiation.monochromator                    'Si(111)' 
_diffrn_radiation.pdbx_diffrn_protocol             'SINGLE WAVELENGTH' 
_diffrn_radiation.pdbx_scattering_type             x-ray 
# 
_diffrn_radiation_wavelength.id           1 
_diffrn_radiation_wavelength.wavelength   0.97950 
_diffrn_radiation_wavelength.wt           1.0 
# 
_diffrn_source.diffrn_id                   1 
_diffrn_source.source                      SYNCHROTRON 
_diffrn_source.type                        'ESRF BEAMLINE BM16' 
_diffrn_source.pdbx_synchrotron_site       ESRF 
_diffrn_source.pdbx_synchrotron_beamline   BM16 
_diffrn_source.pdbx_wavelength             ? 
_diffrn_source.pdbx_wavelength_list        0.97950 
# 
_reflns.entry_id                     3EY0 
_reflns.observed_criterion_sigma_I   -3.0 
_reflns.observed_criterion_sigma_F   ? 
_reflns.d_resolution_low             50.0 
_reflns.d_resolution_high            2.52 
_reflns.number_obs                   2899 
_reflns.number_all                   2899 
_reflns.percent_possible_obs         94.7 
_reflns.pdbx_Rmerge_I_obs            0.098 
_reflns.pdbx_Rsym_value              0.098 
_reflns.pdbx_netI_over_sigmaI        37.625 
_reflns.B_iso_Wilson_estimate        56.01 
_reflns.pdbx_redundancy              15.8 
_reflns.R_free_details               ? 
_reflns.pdbx_chi_squared             ? 
_reflns.pdbx_scaling_rejects         ? 
_reflns.pdbx_ordinal                 1 
_reflns.pdbx_diffrn_id               1 
# 
_reflns_shell.d_res_high             2.52 
_reflns_shell.d_res_low              2.56 
_reflns_shell.percent_possible_all   100.0 
_reflns_shell.Rmerge_I_obs           0.212 
_reflns_shell.pdbx_Rsym_value        0.212 
_reflns_shell.meanI_over_sigI_obs    15.750 
_reflns_shell.pdbx_redundancy        18.4 
_reflns_shell.percent_possible_obs   ? 
_reflns_shell.number_unique_all      128 
_reflns_shell.number_measured_all    ? 
_reflns_shell.number_measured_obs    ? 
_reflns_shell.number_unique_obs      ? 
_reflns_shell.pdbx_chi_squared       ? 
_reflns_shell.pdbx_ordinal           1 
_reflns_shell.pdbx_diffrn_id         1 
# 
_refine.entry_id                                 3EY0 
_refine.ls_number_reflns_obs                     2511 
_refine.ls_number_reflns_all                     2782 
_refine.pdbx_ls_sigma_I                          ? 
_refine.pdbx_ls_sigma_F                          ? 
_refine.pdbx_data_cutoff_high_absF               ? 
_refine.pdbx_data_cutoff_low_absF                ? 
_refine.pdbx_data_cutoff_high_rms_absF           ? 
_refine.ls_d_res_low                             50.0 
_refine.ls_d_res_high                            2.52 
_refine.ls_percent_reflns_obs                    93.62 
_refine.ls_R_factor_obs                          0.22193 
_refine.ls_R_factor_all                          ? 
_refine.ls_R_factor_R_work                       0.21572 
_refine.ls_R_factor_R_free                       0.27715 
_refine.ls_R_factor_R_free_error                 ? 
_refine.ls_R_factor_R_free_error_details         ? 
_refine.ls_percent_reflns_R_free                 9.4 
_refine.ls_number_reflns_R_free                  262 
_refine.ls_number_parameters                     ? 
_refine.ls_number_restraints                     ? 
_refine.occupancy_min                            ? 
_refine.occupancy_max                            ? 
_refine.correlation_coeff_Fo_to_Fc               0.936 
_refine.correlation_coeff_Fo_to_Fc_free          0.885 
_refine.B_iso_mean                               43.499 
_refine.aniso_B[1][1]                            0.22 
_refine.aniso_B[2][2]                            0.22 
_refine.aniso_B[3][3]                            -0.34 
_refine.aniso_B[1][2]                            0.11 
_refine.aniso_B[1][3]                            0.00 
_refine.aniso_B[2][3]                            0.00 
_refine.solvent_model_details                    'BABINET MODEL WITH MASK' 
_refine.solvent_model_param_ksol                 ? 
_refine.solvent_model_param_bsol                 ? 
_refine.pdbx_solvent_vdw_probe_radii             1.20 
_refine.pdbx_solvent_ion_probe_radii             0.80 
_refine.pdbx_solvent_shrinkage_radii             0.80 
_refine.pdbx_ls_cross_valid_method               THROUGHOUT 
_refine.details                                  'HYDROGENS HAVE BEEN ADDED IN THE RIDING POSITIONS' 
_refine.pdbx_starting_model                      'standard watson-crick DNA' 
_refine.pdbx_method_to_determine_struct          'MOLECULAR REPLACEMENT' 
_refine.pdbx_isotropic_thermal_model             ? 
_refine.pdbx_stereochemistry_target_values       'MAXIMUM LIKELIHOOD' 
_refine.pdbx_stereochem_target_val_spec_case     ? 
_refine.pdbx_R_Free_selection_details            RANDOM 
_refine.pdbx_overall_ESU_R                       0.520 
_refine.pdbx_overall_ESU_R_Free                  0.323 
_refine.overall_SU_ML                            0.238 
_refine.overall_SU_B                             25.145 
_refine.ls_redundancy_reflns_obs                 ? 
_refine.overall_SU_R_Cruickshank_DPI             ? 
_refine.overall_SU_R_free                        ? 
_refine.ls_wR_factor_R_free                      ? 
_refine.ls_wR_factor_R_work                      ? 
_refine.overall_FOM_free_R_set                   ? 
_refine.overall_FOM_work_R_set                   ? 
_refine.pdbx_overall_phase_error                 ? 
_refine.pdbx_refine_id                           'X-RAY DIFFRACTION' 
_refine.pdbx_TLS_residual_ADP_flag               'LIKELY RESIDUAL' 
_refine.pdbx_diffrn_id                           1 
_refine.pdbx_overall_SU_R_free_Cruickshank_DPI   ? 
_refine.pdbx_overall_SU_R_Blow_DPI               ? 
_refine.pdbx_overall_SU_R_free_Blow_DPI          ? 
# 
_refine_hist.pdbx_refine_id                   'X-RAY DIFFRACTION' 
_refine_hist.cycle_id                         LAST 
_refine_hist.pdbx_number_atoms_protein        0 
_refine_hist.pdbx_number_atoms_nucleic_acid   404 
_refine_hist.pdbx_number_atoms_ligand         26 
_refine_hist.number_atoms_solvent             51 
_refine_hist.number_atoms_total               481 
_refine_hist.d_res_high                       2.52 
_refine_hist.d_res_low                        50.0 
# 
loop_
_refine_ls_restr.type 
_refine_ls_restr.dev_ideal 
_refine_ls_restr.dev_ideal_target 
_refine_ls_restr.weight 
_refine_ls_restr.number 
_refine_ls_restr.pdbx_refine_id 
_refine_ls_restr.pdbx_restraint_function 
r_bond_refined_d     0.018 0.021 ? 480 'X-RAY DIFFRACTION' ? 
r_bond_other_d       0.003 0.020 ? 236 'X-RAY DIFFRACTION' ? 
r_angle_refined_deg  1.644 3.000 ? 727 'X-RAY DIFFRACTION' ? 
r_angle_other_deg    1.224 3.000 ? 571 'X-RAY DIFFRACTION' ? 
r_chiral_restr       0.052 0.200 ? 78  'X-RAY DIFFRACTION' ? 
r_gen_planes_refined 0.006 0.020 ? 238 'X-RAY DIFFRACTION' ? 
r_gen_planes_other   0.002 0.020 ? 58  'X-RAY DIFFRACTION' ? 
r_scbond_it          1.028 3.000 ? 200 'X-RAY DIFFRACTION' ? 
r_scangle_it         1.577 4.500 ? 311 'X-RAY DIFFRACTION' ? 
# 
_refine_ls_shell.pdbx_total_number_of_bins_used   20 
_refine_ls_shell.d_res_high                       2.52 
_refine_ls_shell.d_res_low                        2.59 
_refine_ls_shell.number_reflns_R_work             162 
_refine_ls_shell.R_factor_R_work                  0.248 
_refine_ls_shell.percent_reflns_obs               95.19 
_refine_ls_shell.R_factor_R_free                  0.411 
_refine_ls_shell.R_factor_R_free_error            ? 
_refine_ls_shell.percent_reflns_R_free            ? 
_refine_ls_shell.number_reflns_R_free             16 
_refine_ls_shell.number_reflns_all                ? 
_refine_ls_shell.R_factor_all                     ? 
_refine_ls_shell.number_reflns_obs                ? 
_refine_ls_shell.redundancy_reflns_obs            ? 
_refine_ls_shell.pdbx_refine_id                   'X-RAY DIFFRACTION' 
# 
_struct.entry_id                  3EY0 
_struct.title                     'A new form of DNA-drug interaction in the minor groove of a coiled coil' 
_struct.pdbx_model_details        ? 
_struct.pdbx_CASP_flag            N 
_struct.pdbx_model_type_details   ? 
# 
_struct_keywords.entry_id        3EY0 
_struct_keywords.pdbx_keywords   DNA 
_struct_keywords.text            'DNA drug pentamidine coiled-coil all-AT, DNA' 
# 
loop_
_struct_asym.id 
_struct_asym.pdbx_blank_PDB_chainid_flag 
_struct_asym.pdbx_modified 
_struct_asym.entity_id 
_struct_asym.details 
A N N 1 ? 
B N N 1 ? 
C N N 2 ? 
D N N 3 ? 
E N N 4 ? 
F N N 4 ? 
# 
_struct_ref.id                         1 
_struct_ref.db_name                    PDB 
_struct_ref.db_code                    3EY0 
_struct_ref.pdbx_db_accession          3EY0 
_struct_ref.entity_id                  1 
_struct_ref.pdbx_align_begin           1 
_struct_ref.pdbx_seq_one_letter_code   ATATATATAT 
_struct_ref.pdbx_db_isoform            ? 
# 
loop_
_struct_ref_seq.align_id 
_struct_ref_seq.ref_id 
_struct_ref_seq.pdbx_PDB_id_code 
_struct_ref_seq.pdbx_strand_id 
_struct_ref_seq.seq_align_beg 
_struct_ref_seq.pdbx_seq_align_beg_ins_code 
_struct_ref_seq.seq_align_end 
_struct_ref_seq.pdbx_seq_align_end_ins_code 
_struct_ref_seq.pdbx_db_accession 
_struct_ref_seq.db_align_beg 
_struct_ref_seq.pdbx_db_align_beg_ins_code 
_struct_ref_seq.db_align_end 
_struct_ref_seq.pdbx_db_align_end_ins_code 
_struct_ref_seq.pdbx_auth_seq_align_beg 
_struct_ref_seq.pdbx_auth_seq_align_end 
1 1 3EY0 A 1 ? 10 ? 3EY0 1 ? 10 ? 1 10 
2 1 3EY0 B 1 ? 10 ? 3EY0 1 ? 10 ? 1 10 
# 
_pdbx_struct_assembly.id                   1 
_pdbx_struct_assembly.details              author_and_software_defined_assembly 
_pdbx_struct_assembly.method_details       PISA 
_pdbx_struct_assembly.oligomeric_details   dimeric 
_pdbx_struct_assembly.oligomeric_count     2 
# 
loop_
_pdbx_struct_assembly_prop.biol_id 
_pdbx_struct_assembly_prop.type 
_pdbx_struct_assembly_prop.value 
_pdbx_struct_assembly_prop.details 
1 'ABSA (A^2)' 1070 ? 
1 MORE         -8.5 ? 
1 'SSA (A^2)'  4410 ? 
# 
_pdbx_struct_assembly_gen.assembly_id       1 
_pdbx_struct_assembly_gen.oper_expression   1 
_pdbx_struct_assembly_gen.asym_id_list      A,B,C,D,E,F 
# 
_pdbx_struct_oper_list.id                   1 
_pdbx_struct_oper_list.type                 'identity operation' 
_pdbx_struct_oper_list.name                 1_555 
_pdbx_struct_oper_list.symmetry_operation   x,y,z 
_pdbx_struct_oper_list.matrix[1][1]         1.0000000000 
_pdbx_struct_oper_list.matrix[1][2]         0.0000000000 
_pdbx_struct_oper_list.matrix[1][3]         0.0000000000 
_pdbx_struct_oper_list.vector[1]            0.0000000000 
_pdbx_struct_oper_list.matrix[2][1]         0.0000000000 
_pdbx_struct_oper_list.matrix[2][2]         1.0000000000 
_pdbx_struct_oper_list.matrix[2][3]         0.0000000000 
_pdbx_struct_oper_list.vector[2]            0.0000000000 
_pdbx_struct_oper_list.matrix[3][1]         0.0000000000 
_pdbx_struct_oper_list.matrix[3][2]         0.0000000000 
_pdbx_struct_oper_list.matrix[3][3]         1.0000000000 
_pdbx_struct_oper_list.vector[3]            0.0000000000 
# 
_struct_biol.id        1 
_struct_biol.details   'Double stranded ATATATATAT' 
# 
loop_
_struct_conn.id 
_struct_conn.conn_type_id 
_struct_conn.pdbx_leaving_atom_flag 
_struct_conn.pdbx_PDB_id 
_struct_conn.ptnr1_label_asym_id 
_struct_conn.ptnr1_label_comp_id 
_struct_conn.ptnr1_label_seq_id 
_struct_conn.ptnr1_label_atom_id 
_struct_conn.pdbx_ptnr1_label_alt_id 
_struct_conn.pdbx_ptnr1_PDB_ins_code 
_struct_conn.pdbx_ptnr1_standard_comp_id 
_struct_conn.ptnr1_symmetry 
_struct_conn.ptnr2_label_asym_id 
_struct_conn.ptnr2_label_comp_id 
_struct_conn.ptnr2_label_seq_id 
_struct_conn.ptnr2_label_atom_id 
_struct_conn.pdbx_ptnr2_label_alt_id 
_struct_conn.pdbx_ptnr2_PDB_ins_code 
_struct_conn.ptnr1_auth_asym_id 
_struct_conn.ptnr1_auth_comp_id 
_struct_conn.ptnr1_auth_seq_id 
_struct_conn.ptnr2_auth_asym_id 
_struct_conn.ptnr2_auth_comp_id 
_struct_conn.ptnr2_auth_seq_id 
_struct_conn.ptnr2_symmetry 
_struct_conn.pdbx_ptnr3_label_atom_id 
_struct_conn.pdbx_ptnr3_label_seq_id 
_struct_conn.pdbx_ptnr3_label_comp_id 
_struct_conn.pdbx_ptnr3_label_asym_id 
_struct_conn.pdbx_ptnr3_label_alt_id 
_struct_conn.pdbx_ptnr3_PDB_ins_code 
_struct_conn.details 
_struct_conn.pdbx_dist_value 
_struct_conn.pdbx_value_order 
_struct_conn.pdbx_role 
metalc1  metalc ? ? E HOH .  O  ? ? ? 1_555 D MG  .  MG ? ? A HOH 27 B MG  11 1_555 ? ? ? ? ? ? ?            2.188 ? ? 
metalc2  metalc ? ? E HOH .  O  ? ? ? 1_555 D MG  .  MG ? ? A HOH 28 B MG  11 1_555 ? ? ? ? ? ? ?            2.712 ? ? 
metalc3  metalc ? ? E HOH .  O  ? ? ? 1_555 D MG  .  MG ? ? A HOH 29 B MG  11 1_555 ? ? ? ? ? ? ?            2.264 ? ? 
metalc4  metalc ? ? D MG  .  MG ? ? ? 1_555 F HOH .  O  ? ? B MG  11 B HOH 33 1_555 ? ? ? ? ? ? ?            1.910 ? ? 
metalc5  metalc ? ? D MG  .  MG ? ? ? 1_555 F HOH .  O  ? ? B MG  11 B HOH 53 1_555 ? ? ? ? ? ? ?            2.050 ? ? 
metalc6  metalc ? ? D MG  .  MG ? ? ? 1_555 F HOH .  O  ? ? B MG  11 B HOH 54 1_555 ? ? ? ? ? ? ?            2.472 ? ? 
hydrog1  hydrog ? ? A DA  1  N1 ? ? ? 1_555 B DT  10 N3 ? ? A DA  1  B DT  10 1_555 ? ? ? ? ? ? WATSON-CRICK ?     ? ? 
hydrog2  hydrog ? ? A DA  1  N6 ? ? ? 1_555 B DT  10 O4 ? ? A DA  1  B DT  10 1_555 ? ? ? ? ? ? WATSON-CRICK ?     ? ? 
hydrog3  hydrog ? ? A DT  2  N3 ? ? ? 1_555 B DA  9  N1 ? ? A DT  2  B DA  9  1_555 ? ? ? ? ? ? WATSON-CRICK ?     ? ? 
hydrog4  hydrog ? ? A DT  2  O4 ? ? ? 1_555 B DA  9  N6 ? ? A DT  2  B DA  9  1_555 ? ? ? ? ? ? WATSON-CRICK ?     ? ? 
hydrog5  hydrog ? ? A DA  3  N1 ? ? ? 1_555 B DT  8  N3 ? ? A DA  3  B DT  8  1_555 ? ? ? ? ? ? WATSON-CRICK ?     ? ? 
hydrog6  hydrog ? ? A DA  3  N6 ? ? ? 1_555 B DT  8  O4 ? ? A DA  3  B DT  8  1_555 ? ? ? ? ? ? WATSON-CRICK ?     ? ? 
hydrog7  hydrog ? ? A DT  4  N3 ? ? ? 1_555 B DA  7  N1 ? ? A DT  4  B DA  7  1_555 ? ? ? ? ? ? WATSON-CRICK ?     ? ? 
hydrog8  hydrog ? ? A DT  4  O4 ? ? ? 1_555 B DA  7  N6 ? ? A DT  4  B DA  7  1_555 ? ? ? ? ? ? WATSON-CRICK ?     ? ? 
hydrog9  hydrog ? ? A DA  5  N1 ? ? ? 1_555 B DT  6  N3 ? ? A DA  5  B DT  6  1_555 ? ? ? ? ? ? WATSON-CRICK ?     ? ? 
hydrog10 hydrog ? ? A DA  5  N6 ? ? ? 1_555 B DT  6  O4 ? ? A DA  5  B DT  6  1_555 ? ? ? ? ? ? WATSON-CRICK ?     ? ? 
hydrog11 hydrog ? ? A DT  6  N3 ? ? ? 1_555 B DA  5  N1 ? ? A DT  6  B DA  5  1_555 ? ? ? ? ? ? WATSON-CRICK ?     ? ? 
hydrog12 hydrog ? ? A DT  6  O4 ? ? ? 1_555 B DA  5  N6 ? ? A DT  6  B DA  5  1_555 ? ? ? ? ? ? WATSON-CRICK ?     ? ? 
hydrog13 hydrog ? ? A DA  7  N1 ? ? ? 1_555 B DT  4  N3 ? ? A DA  7  B DT  4  1_555 ? ? ? ? ? ? WATSON-CRICK ?     ? ? 
hydrog14 hydrog ? ? A DA  7  N6 ? ? ? 1_555 B DT  4  O4 ? ? A DA  7  B DT  4  1_555 ? ? ? ? ? ? WATSON-CRICK ?     ? ? 
hydrog15 hydrog ? ? A DT  8  N3 ? ? ? 1_555 B DA  3  N1 ? ? A DT  8  B DA  3  1_555 ? ? ? ? ? ? WATSON-CRICK ?     ? ? 
hydrog16 hydrog ? ? A DT  8  O4 ? ? ? 1_555 B DA  3  N6 ? ? A DT  8  B DA  3  1_555 ? ? ? ? ? ? WATSON-CRICK ?     ? ? 
hydrog17 hydrog ? ? A DA  9  N1 ? ? ? 1_555 B DT  2  N3 ? ? A DA  9  B DT  2  1_555 ? ? ? ? ? ? WATSON-CRICK ?     ? ? 
hydrog18 hydrog ? ? A DA  9  N6 ? ? ? 1_555 B DT  2  O4 ? ? A DA  9  B DT  2  1_555 ? ? ? ? ? ? WATSON-CRICK ?     ? ? 
hydrog19 hydrog ? ? A DT  10 N3 ? ? ? 1_555 B DA  1  N7 ? ? A DT  10 B DA  1  1_555 ? ? ? ? ? ? HOOGSTEEN    ?     ? ? 
hydrog20 hydrog ? ? A DT  10 O4 ? ? ? 1_555 B DA  1  N6 ? ? A DT  10 B DA  1  1_555 ? ? ? ? ? ? HOOGSTEEN    ?     ? ? 
# 
loop_
_struct_conn_type.id 
_struct_conn_type.criteria 
_struct_conn_type.reference 
metalc ? ? 
hydrog ? ? 
# 
loop_
_pdbx_struct_conn_angle.id 
_pdbx_struct_conn_angle.ptnr1_label_atom_id 
_pdbx_struct_conn_angle.ptnr1_label_alt_id 
_pdbx_struct_conn_angle.ptnr1_label_asym_id 
_pdbx_struct_conn_angle.ptnr1_label_comp_id 
_pdbx_struct_conn_angle.ptnr1_label_seq_id 
_pdbx_struct_conn_angle.ptnr1_auth_atom_id 
_pdbx_struct_conn_angle.ptnr1_auth_asym_id 
_pdbx_struct_conn_angle.ptnr1_auth_comp_id 
_pdbx_struct_conn_angle.ptnr1_auth_seq_id 
_pdbx_struct_conn_angle.ptnr1_PDB_ins_code 
_pdbx_struct_conn_angle.ptnr1_symmetry 
_pdbx_struct_conn_angle.ptnr2_label_atom_id 
_pdbx_struct_conn_angle.ptnr2_label_alt_id 
_pdbx_struct_conn_angle.ptnr2_label_asym_id 
_pdbx_struct_conn_angle.ptnr2_label_comp_id 
_pdbx_struct_conn_angle.ptnr2_label_seq_id 
_pdbx_struct_conn_angle.ptnr2_auth_atom_id 
_pdbx_struct_conn_angle.ptnr2_auth_asym_id 
_pdbx_struct_conn_angle.ptnr2_auth_comp_id 
_pdbx_struct_conn_angle.ptnr2_auth_seq_id 
_pdbx_struct_conn_angle.ptnr2_PDB_ins_code 
_pdbx_struct_conn_angle.ptnr2_symmetry 
_pdbx_struct_conn_angle.ptnr3_label_atom_id 
_pdbx_struct_conn_angle.ptnr3_label_alt_id 
_pdbx_struct_conn_angle.ptnr3_label_asym_id 
_pdbx_struct_conn_angle.ptnr3_label_comp_id 
_pdbx_struct_conn_angle.ptnr3_label_seq_id 
_pdbx_struct_conn_angle.ptnr3_auth_atom_id 
_pdbx_struct_conn_angle.ptnr3_auth_asym_id 
_pdbx_struct_conn_angle.ptnr3_auth_comp_id 
_pdbx_struct_conn_angle.ptnr3_auth_seq_id 
_pdbx_struct_conn_angle.ptnr3_PDB_ins_code 
_pdbx_struct_conn_angle.ptnr3_symmetry 
_pdbx_struct_conn_angle.value 
_pdbx_struct_conn_angle.value_esd 
1  O ? E HOH . ? A HOH 27 ? 1_555 MG ? D MG . ? B MG 11 ? 1_555 O ? E HOH . ? A HOH 28 ? 1_555 99.7  ? 
2  O ? E HOH . ? A HOH 27 ? 1_555 MG ? D MG . ? B MG 11 ? 1_555 O ? E HOH . ? A HOH 29 ? 1_555 75.0  ? 
3  O ? E HOH . ? A HOH 28 ? 1_555 MG ? D MG . ? B MG 11 ? 1_555 O ? E HOH . ? A HOH 29 ? 1_555 74.3  ? 
4  O ? E HOH . ? A HOH 27 ? 1_555 MG ? D MG . ? B MG 11 ? 1_555 O ? F HOH . ? B HOH 33 ? 1_555 95.0  ? 
5  O ? E HOH . ? A HOH 28 ? 1_555 MG ? D MG . ? B MG 11 ? 1_555 O ? F HOH . ? B HOH 33 ? 1_555 113.2 ? 
6  O ? E HOH . ? A HOH 29 ? 1_555 MG ? D MG . ? B MG 11 ? 1_555 O ? F HOH . ? B HOH 33 ? 1_555 168.7 ? 
7  O ? E HOH . ? A HOH 27 ? 1_555 MG ? D MG . ? B MG 11 ? 1_555 O ? F HOH . ? B HOH 53 ? 1_555 85.1  ? 
8  O ? E HOH . ? A HOH 28 ? 1_555 MG ? D MG . ? B MG 11 ? 1_555 O ? F HOH . ? B HOH 53 ? 1_555 159.9 ? 
9  O ? E HOH . ? A HOH 29 ? 1_555 MG ? D MG . ? B MG 11 ? 1_555 O ? F HOH . ? B HOH 53 ? 1_555 88.3  ? 
10 O ? F HOH . ? B HOH 33 ? 1_555 MG ? D MG . ? B MG 11 ? 1_555 O ? F HOH . ? B HOH 53 ? 1_555 85.6  ? 
11 O ? E HOH . ? A HOH 27 ? 1_555 MG ? D MG . ? B MG 11 ? 1_555 O ? F HOH . ? B HOH 54 ? 1_555 165.2 ? 
12 O ? E HOH . ? A HOH 28 ? 1_555 MG ? D MG . ? B MG 11 ? 1_555 O ? F HOH . ? B HOH 54 ? 1_555 95.0  ? 
13 O ? E HOH . ? A HOH 29 ? 1_555 MG ? D MG . ? B MG 11 ? 1_555 O ? F HOH . ? B HOH 54 ? 1_555 107.2 ? 
14 O ? F HOH . ? B HOH 33 ? 1_555 MG ? D MG . ? B MG 11 ? 1_555 O ? F HOH . ? B HOH 54 ? 1_555 81.1  ? 
15 O ? F HOH . ? B HOH 53 ? 1_555 MG ? D MG . ? B MG 11 ? 1_555 O ? F HOH . ? B HOH 54 ? 1_555 80.4  ? 
# 
loop_
_struct_site.id 
_struct_site.pdbx_evidence_code 
_struct_site.pdbx_auth_asym_id 
_struct_site.pdbx_auth_comp_id 
_struct_site.pdbx_auth_seq_id 
_struct_site.pdbx_auth_ins_code 
_struct_site.pdbx_num_residues 
_struct_site.details 
AC1 Software A PNT 11 ? 14 'BINDING SITE FOR RESIDUE PNT A 11' 
AC2 Software B MG  11 ? 6  'BINDING SITE FOR RESIDUE MG B 11'  
# 
loop_
_struct_site_gen.id 
_struct_site_gen.site_id 
_struct_site_gen.pdbx_num_res 
_struct_site_gen.label_comp_id 
_struct_site_gen.label_asym_id 
_struct_site_gen.label_seq_id 
_struct_site_gen.pdbx_auth_ins_code 
_struct_site_gen.auth_comp_id 
_struct_site_gen.auth_asym_id 
_struct_site_gen.auth_seq_id 
_struct_site_gen.label_atom_id 
_struct_site_gen.label_alt_id 
_struct_site_gen.symmetry 
_struct_site_gen.details 
1  AC1 14 DA  A 5  ? DA  A 5  . ? 1_555 ? 
2  AC1 14 DT  A 6  ? DT  A 6  . ? 1_555 ? 
3  AC1 14 DA  A 7  ? DA  A 7  . ? 1_555 ? 
4  AC1 14 DT  A 8  ? DT  A 8  . ? 1_555 ? 
5  AC1 14 DA  A 9  ? DA  A 9  . ? 1_555 ? 
6  AC1 14 DT  A 10 ? DT  A 10 . ? 1_555 ? 
7  AC1 14 HOH E .  ? HOH A 32 . ? 1_555 ? 
8  AC1 14 DA  B 5  ? DA  B 5  . ? 1_555 ? 
9  AC1 14 DT  B 6  ? DT  B 6  . ? 1_555 ? 
10 AC1 14 DA  B 7  ? DA  B 7  . ? 1_555 ? 
11 AC1 14 DT  B 8  ? DT  B 8  . ? 1_555 ? 
12 AC1 14 DT  B 10 ? DT  B 10 . ? 1_555 ? 
13 AC1 14 HOH F .  ? HOH B 32 . ? 1_555 ? 
14 AC1 14 HOH F .  ? HOH B 35 . ? 1_555 ? 
15 AC2 6  HOH E .  ? HOH A 27 . ? 1_555 ? 
16 AC2 6  HOH E .  ? HOH A 28 . ? 1_555 ? 
17 AC2 6  HOH E .  ? HOH A 29 . ? 1_555 ? 
18 AC2 6  HOH F .  ? HOH B 33 . ? 1_555 ? 
19 AC2 6  HOH F .  ? HOH B 53 . ? 1_555 ? 
20 AC2 6  HOH F .  ? HOH B 54 . ? 1_555 ? 
# 
loop_
_pdbx_validate_rmsd_angle.id 
_pdbx_validate_rmsd_angle.PDB_model_num 
_pdbx_validate_rmsd_angle.auth_atom_id_1 
_pdbx_validate_rmsd_angle.auth_asym_id_1 
_pdbx_validate_rmsd_angle.auth_comp_id_1 
_pdbx_validate_rmsd_angle.auth_seq_id_1 
_pdbx_validate_rmsd_angle.PDB_ins_code_1 
_pdbx_validate_rmsd_angle.label_alt_id_1 
_pdbx_validate_rmsd_angle.auth_atom_id_2 
_pdbx_validate_rmsd_angle.auth_asym_id_2 
_pdbx_validate_rmsd_angle.auth_comp_id_2 
_pdbx_validate_rmsd_angle.auth_seq_id_2 
_pdbx_validate_rmsd_angle.PDB_ins_code_2 
_pdbx_validate_rmsd_angle.label_alt_id_2 
_pdbx_validate_rmsd_angle.auth_atom_id_3 
_pdbx_validate_rmsd_angle.auth_asym_id_3 
_pdbx_validate_rmsd_angle.auth_comp_id_3 
_pdbx_validate_rmsd_angle.auth_seq_id_3 
_pdbx_validate_rmsd_angle.PDB_ins_code_3 
_pdbx_validate_rmsd_angle.label_alt_id_3 
_pdbx_validate_rmsd_angle.angle_value 
_pdbx_validate_rmsd_angle.angle_target_value 
_pdbx_validate_rmsd_angle.angle_deviation 
_pdbx_validate_rmsd_angle.angle_standard_deviation 
_pdbx_validate_rmsd_angle.linker_flag 
1 1 "C3'" A DT 4  ? ? "C2'" A DT 4  ? ? "C1'" A DT 4  ? ? 96.89  102.40 -5.51 0.80 N 
2 1 "O4'" B DA 1  ? ? "C1'" B DA 1  ? ? N9    B DA 1  ? ? 110.80 108.30 2.50  0.30 N 
3 1 "O4'" B DT 6  ? ? "C1'" B DT 6  ? ? N1    B DT 6  ? ? 111.25 108.30 2.95  0.30 N 
4 1 "O4'" B DT 10 ? ? "C1'" B DT 10 ? ? N1    B DT 10 ? ? 111.47 108.30 3.17  0.30 N 
# 
_pdbx_refine_tls.pdbx_refine_id   'X-RAY DIFFRACTION' 
_pdbx_refine_tls.id               1 
_pdbx_refine_tls.details          ? 
_pdbx_refine_tls.method           refined 
_pdbx_refine_tls.origin_x         -0.0776 
_pdbx_refine_tls.origin_y         0.0226 
_pdbx_refine_tls.origin_z         0.1065 
_pdbx_refine_tls.T[1][1]          0.0721 
_pdbx_refine_tls.T[2][2]          -0.0236 
_pdbx_refine_tls.T[3][3]          -0.0699 
_pdbx_refine_tls.T[1][2]          0.0935 
_pdbx_refine_tls.T[1][3]          0.0545 
_pdbx_refine_tls.T[2][3]          0.0368 
_pdbx_refine_tls.L[1][1]          1.7157 
_pdbx_refine_tls.L[2][2]          1.4955 
_pdbx_refine_tls.L[3][3]          8.2507 
_pdbx_refine_tls.L[1][2]          -0.2624 
_pdbx_refine_tls.L[1][3]          -0.5631 
_pdbx_refine_tls.L[2][3]          -0.8655 
_pdbx_refine_tls.S[1][1]          0.0307 
_pdbx_refine_tls.S[2][2]          0.2011 
_pdbx_refine_tls.S[3][3]          -0.2319 
_pdbx_refine_tls.S[1][2]          -0.1107 
_pdbx_refine_tls.S[1][3]          0.1569 
_pdbx_refine_tls.S[2][3]          0.0742 
_pdbx_refine_tls.S[2][1]          0.1505 
_pdbx_refine_tls.S[3][1]          0.4819 
_pdbx_refine_tls.S[3][2]          -0.1186 
# 
_pdbx_refine_tls_group.pdbx_refine_id      'X-RAY DIFFRACTION' 
_pdbx_refine_tls_group.id                  1 
_pdbx_refine_tls_group.refine_tls_id       1 
_pdbx_refine_tls_group.beg_auth_asym_id    A 
_pdbx_refine_tls_group.beg_auth_seq_id     1 
_pdbx_refine_tls_group.end_auth_asym_id    A 
_pdbx_refine_tls_group.end_auth_seq_id     10 
_pdbx_refine_tls_group.selection_details   ? 
_pdbx_refine_tls_group.beg_label_asym_id   . 
_pdbx_refine_tls_group.beg_label_seq_id    . 
_pdbx_refine_tls_group.end_label_asym_id   . 
_pdbx_refine_tls_group.end_label_seq_id    . 
_pdbx_refine_tls_group.selection           ? 
# 
loop_
_chem_comp_atom.comp_id 
_chem_comp_atom.atom_id 
_chem_comp_atom.type_symbol 
_chem_comp_atom.pdbx_aromatic_flag 
_chem_comp_atom.pdbx_stereo_config 
_chem_comp_atom.pdbx_ordinal 
DA  OP3    O  N N 1   
DA  P      P  N N 2   
DA  OP1    O  N N 3   
DA  OP2    O  N N 4   
DA  "O5'"  O  N N 5   
DA  "C5'"  C  N N 6   
DA  "C4'"  C  N R 7   
DA  "O4'"  O  N N 8   
DA  "C3'"  C  N S 9   
DA  "O3'"  O  N N 10  
DA  "C2'"  C  N N 11  
DA  "C1'"  C  N R 12  
DA  N9     N  Y N 13  
DA  C8     C  Y N 14  
DA  N7     N  Y N 15  
DA  C5     C  Y N 16  
DA  C6     C  Y N 17  
DA  N6     N  N N 18  
DA  N1     N  Y N 19  
DA  C2     C  Y N 20  
DA  N3     N  Y N 21  
DA  C4     C  Y N 22  
DA  HOP3   H  N N 23  
DA  HOP2   H  N N 24  
DA  "H5'"  H  N N 25  
DA  "H5''" H  N N 26  
DA  "H4'"  H  N N 27  
DA  "H3'"  H  N N 28  
DA  "HO3'" H  N N 29  
DA  "H2'"  H  N N 30  
DA  "H2''" H  N N 31  
DA  "H1'"  H  N N 32  
DA  H8     H  N N 33  
DA  H61    H  N N 34  
DA  H62    H  N N 35  
DA  H2     H  N N 36  
DT  OP3    O  N N 37  
DT  P      P  N N 38  
DT  OP1    O  N N 39  
DT  OP2    O  N N 40  
DT  "O5'"  O  N N 41  
DT  "C5'"  C  N N 42  
DT  "C4'"  C  N R 43  
DT  "O4'"  O  N N 44  
DT  "C3'"  C  N S 45  
DT  "O3'"  O  N N 46  
DT  "C2'"  C  N N 47  
DT  "C1'"  C  N R 48  
DT  N1     N  N N 49  
DT  C2     C  N N 50  
DT  O2     O  N N 51  
DT  N3     N  N N 52  
DT  C4     C  N N 53  
DT  O4     O  N N 54  
DT  C5     C  N N 55  
DT  C7     C  N N 56  
DT  C6     C  N N 57  
DT  HOP3   H  N N 58  
DT  HOP2   H  N N 59  
DT  "H5'"  H  N N 60  
DT  "H5''" H  N N 61  
DT  "H4'"  H  N N 62  
DT  "H3'"  H  N N 63  
DT  "HO3'" H  N N 64  
DT  "H2'"  H  N N 65  
DT  "H2''" H  N N 66  
DT  "H1'"  H  N N 67  
DT  H3     H  N N 68  
DT  H71    H  N N 69  
DT  H72    H  N N 70  
DT  H73    H  N N 71  
DT  H6     H  N N 72  
HOH O      O  N N 73  
HOH H1     H  N N 74  
HOH H2     H  N N 75  
MG  MG     MG N N 76  
PNT C1     C  Y N 77  
PNT C2     C  Y N 78  
PNT C3     C  Y N 79  
PNT C4     C  Y N 80  
PNT C5     C  Y N 81  
PNT C6     C  Y N 82  
PNT C7     C  N N 83  
PNT C8     C  N N 84  
PNT C9     C  N N 85  
PNT C10    C  N N 86  
PNT "C1'"  C  Y N 87  
PNT "C2'"  C  Y N 88  
PNT "C3'"  C  Y N 89  
PNT "C4'"  C  Y N 90  
PNT "C5'"  C  Y N 91  
PNT "C6'"  C  Y N 92  
PNT "C7'"  C  N N 93  
PNT "C8'"  C  N N 94  
PNT "C9'"  C  N N 95  
PNT O1     O  N N 96  
PNT "O1'"  O  N N 97  
PNT N1     N  N N 98  
PNT N2     N  N N 99  
PNT "N1'"  N  N N 100 
PNT "N2'"  N  N N 101 
PNT H2     H  N N 102 
PNT H3     H  N N 103 
PNT H5     H  N N 104 
PNT H6     H  N N 105 
PNT H71    H  N N 106 
PNT H72    H  N N 107 
PNT H81    H  N N 108 
PNT H82    H  N N 109 
PNT H101   H  N N 110 
PNT H102   H  N N 111 
PNT "H2'"  H  N N 112 
PNT "H3'"  H  N N 113 
PNT "H5'"  H  N N 114 
PNT "H6'"  H  N N 115 
PNT "H7'1" H  N N 116 
PNT "H7'2" H  N N 117 
PNT "H8'1" H  N N 118 
PNT "H8'2" H  N N 119 
PNT HN1    H  N N 120 
PNT HN2    H  N N 121 
PNT HN3    H  N N 122 
PNT "HN'1" H  N N 123 
PNT "HN'2" H  N N 124 
PNT "HN'3" H  N N 125 
# 
loop_
_chem_comp_bond.comp_id 
_chem_comp_bond.atom_id_1 
_chem_comp_bond.atom_id_2 
_chem_comp_bond.value_order 
_chem_comp_bond.pdbx_aromatic_flag 
_chem_comp_bond.pdbx_stereo_config 
_chem_comp_bond.pdbx_ordinal 
DA  OP3   P      sing N N 1   
DA  OP3   HOP3   sing N N 2   
DA  P     OP1    doub N N 3   
DA  P     OP2    sing N N 4   
DA  P     "O5'"  sing N N 5   
DA  OP2   HOP2   sing N N 6   
DA  "O5'" "C5'"  sing N N 7   
DA  "C5'" "C4'"  sing N N 8   
DA  "C5'" "H5'"  sing N N 9   
DA  "C5'" "H5''" sing N N 10  
DA  "C4'" "O4'"  sing N N 11  
DA  "C4'" "C3'"  sing N N 12  
DA  "C4'" "H4'"  sing N N 13  
DA  "O4'" "C1'"  sing N N 14  
DA  "C3'" "O3'"  sing N N 15  
DA  "C3'" "C2'"  sing N N 16  
DA  "C3'" "H3'"  sing N N 17  
DA  "O3'" "HO3'" sing N N 18  
DA  "C2'" "C1'"  sing N N 19  
DA  "C2'" "H2'"  sing N N 20  
DA  "C2'" "H2''" sing N N 21  
DA  "C1'" N9     sing N N 22  
DA  "C1'" "H1'"  sing N N 23  
DA  N9    C8     sing Y N 24  
DA  N9    C4     sing Y N 25  
DA  C8    N7     doub Y N 26  
DA  C8    H8     sing N N 27  
DA  N7    C5     sing Y N 28  
DA  C5    C6     sing Y N 29  
DA  C5    C4     doub Y N 30  
DA  C6    N6     sing N N 31  
DA  C6    N1     doub Y N 32  
DA  N6    H61    sing N N 33  
DA  N6    H62    sing N N 34  
DA  N1    C2     sing Y N 35  
DA  C2    N3     doub Y N 36  
DA  C2    H2     sing N N 37  
DA  N3    C4     sing Y N 38  
DT  OP3   P      sing N N 39  
DT  OP3   HOP3   sing N N 40  
DT  P     OP1    doub N N 41  
DT  P     OP2    sing N N 42  
DT  P     "O5'"  sing N N 43  
DT  OP2   HOP2   sing N N 44  
DT  "O5'" "C5'"  sing N N 45  
DT  "C5'" "C4'"  sing N N 46  
DT  "C5'" "H5'"  sing N N 47  
DT  "C5'" "H5''" sing N N 48  
DT  "C4'" "O4'"  sing N N 49  
DT  "C4'" "C3'"  sing N N 50  
DT  "C4'" "H4'"  sing N N 51  
DT  "O4'" "C1'"  sing N N 52  
DT  "C3'" "O3'"  sing N N 53  
DT  "C3'" "C2'"  sing N N 54  
DT  "C3'" "H3'"  sing N N 55  
DT  "O3'" "HO3'" sing N N 56  
DT  "C2'" "C1'"  sing N N 57  
DT  "C2'" "H2'"  sing N N 58  
DT  "C2'" "H2''" sing N N 59  
DT  "C1'" N1     sing N N 60  
DT  "C1'" "H1'"  sing N N 61  
DT  N1    C2     sing N N 62  
DT  N1    C6     sing N N 63  
DT  C2    O2     doub N N 64  
DT  C2    N3     sing N N 65  
DT  N3    C4     sing N N 66  
DT  N3    H3     sing N N 67  
DT  C4    O4     doub N N 68  
DT  C4    C5     sing N N 69  
DT  C5    C7     sing N N 70  
DT  C5    C6     doub N N 71  
DT  C7    H71    sing N N 72  
DT  C7    H72    sing N N 73  
DT  C7    H73    sing N N 74  
DT  C6    H6     sing N N 75  
HOH O     H1     sing N N 76  
HOH O     H2     sing N N 77  
PNT C1    C2     doub Y N 78  
PNT C1    C6     sing Y N 79  
PNT C1    O1     sing N N 80  
PNT C2    C3     sing Y N 81  
PNT C2    H2     sing N N 82  
PNT C3    C4     doub Y N 83  
PNT C3    H3     sing N N 84  
PNT C4    C5     sing Y N 85  
PNT C4    C9     sing N N 86  
PNT C5    C6     doub Y N 87  
PNT C5    H5     sing N N 88  
PNT C6    H6     sing N N 89  
PNT C7    C8     sing N N 90  
PNT C7    O1     sing N N 91  
PNT C7    H71    sing N N 92  
PNT C7    H72    sing N N 93  
PNT C8    C10    sing N N 94  
PNT C8    H81    sing N N 95  
PNT C8    H82    sing N N 96  
PNT C9    N1     doub N N 97  
PNT C9    N2     sing N N 98  
PNT C10   "C8'"  sing N N 99  
PNT C10   H101   sing N N 100 
PNT C10   H102   sing N N 101 
PNT "C1'" "C2'"  doub Y N 102 
PNT "C1'" "C6'"  sing Y N 103 
PNT "C1'" "O1'"  sing N N 104 
PNT "C2'" "C3'"  sing Y N 105 
PNT "C2'" "H2'"  sing N N 106 
PNT "C3'" "C4'"  doub Y N 107 
PNT "C3'" "H3'"  sing N N 108 
PNT "C4'" "C5'"  sing Y N 109 
PNT "C4'" "C9'"  sing N N 110 
PNT "C5'" "C6'"  doub Y N 111 
PNT "C5'" "H5'"  sing N N 112 
PNT "C6'" "H6'"  sing N N 113 
PNT "C7'" "C8'"  sing N N 114 
PNT "C7'" "O1'"  sing N N 115 
PNT "C7'" "H7'1" sing N N 116 
PNT "C7'" "H7'2" sing N N 117 
PNT "C8'" "H8'1" sing N N 118 
PNT "C8'" "H8'2" sing N N 119 
PNT "C9'" "N1'"  doub N N 120 
PNT "C9'" "N2'"  sing N N 121 
PNT N1    HN1    sing N N 122 
PNT N2    HN2    sing N N 123 
PNT N2    HN3    sing N N 124 
PNT "N1'" "HN'1" sing N N 125 
PNT "N2'" "HN'2" sing N N 126 
PNT "N2'" "HN'3" sing N N 127 
# 
loop_
_ndb_struct_conf_na.entry_id 
_ndb_struct_conf_na.feature 
3EY0 'double helix'        
3EY0 'b-form double helix' 
# 
loop_
_ndb_struct_na_base_pair.model_number 
_ndb_struct_na_base_pair.i_label_asym_id 
_ndb_struct_na_base_pair.i_label_comp_id 
_ndb_struct_na_base_pair.i_label_seq_id 
_ndb_struct_na_base_pair.i_symmetry 
_ndb_struct_na_base_pair.j_label_asym_id 
_ndb_struct_na_base_pair.j_label_comp_id 
_ndb_struct_na_base_pair.j_label_seq_id 
_ndb_struct_na_base_pair.j_symmetry 
_ndb_struct_na_base_pair.shear 
_ndb_struct_na_base_pair.stretch 
_ndb_struct_na_base_pair.stagger 
_ndb_struct_na_base_pair.buckle 
_ndb_struct_na_base_pair.propeller 
_ndb_struct_na_base_pair.opening 
_ndb_struct_na_base_pair.pair_number 
_ndb_struct_na_base_pair.pair_name 
_ndb_struct_na_base_pair.i_auth_asym_id 
_ndb_struct_na_base_pair.i_auth_seq_id 
_ndb_struct_na_base_pair.i_PDB_ins_code 
_ndb_struct_na_base_pair.j_auth_asym_id 
_ndb_struct_na_base_pair.j_auth_seq_id 
_ndb_struct_na_base_pair.j_PDB_ins_code 
_ndb_struct_na_base_pair.hbond_type_28 
_ndb_struct_na_base_pair.hbond_type_12 
1 A DA 1  1_555 B DT 10 1_555 -0.377 -0.038 0.063  -10.466 -15.217 3.292   1  A_DA1:DT10_B A 1  ? B 10 ? 20 1 
1 A DT 2  1_555 B DA 9  1_555 -0.016 -0.217 -0.189 3.364   -6.020  -0.908  2  A_DT2:DA9_B  A 2  ? B 9  ? 20 1 
1 A DA 3  1_555 B DT 8  1_555 -0.092 -0.148 -0.142 -3.973  -11.059 4.672   3  A_DA3:DT8_B  A 3  ? B 8  ? 20 1 
1 A DT 4  1_555 B DA 7  1_555 -0.066 -0.126 0.035  3.771   -9.902  -5.234  4  A_DT4:DA7_B  A 4  ? B 7  ? 20 1 
1 A DA 5  1_555 B DT 6  1_555 -0.130 -0.044 0.152  -2.000  -5.414  3.488   5  A_DA5:DT6_B  A 5  ? B 6  ? 20 1 
1 A DT 6  1_555 B DA 5  1_555 0.345  -0.095 -0.230 9.106   -7.511  5.843   6  A_DT6:DA5_B  A 6  ? B 5  ? 20 1 
1 A DA 7  1_555 B DT 4  1_555 0.036  0.014  0.069  -1.216  -15.791 4.267   7  A_DA7:DT4_B  A 7  ? B 4  ? 20 1 
1 A DT 8  1_555 B DA 3  1_555 -0.206 0.021  -0.063 6.140   -13.421 3.781   8  A_DT8:DA3_B  A 8  ? B 3  ? 20 1 
1 A DA 9  1_555 B DT 2  1_555 -0.150 -0.167 -0.043 0.764   -8.394  13.135  9  A_DA9:DT2_B  A 9  ? B 2  ? 20 1 
1 A DT 10 1_555 B DA 1  1_555 -0.090 3.254  0.258  -2.629  -18.658 -69.635 10 A_DT10:DA1_B A 10 ? B 1  ? 23 3 
# 
loop_
_ndb_struct_na_base_pair_step.model_number 
_ndb_struct_na_base_pair_step.i_label_asym_id_1 
_ndb_struct_na_base_pair_step.i_label_comp_id_1 
_ndb_struct_na_base_pair_step.i_label_seq_id_1 
_ndb_struct_na_base_pair_step.i_symmetry_1 
_ndb_struct_na_base_pair_step.j_label_asym_id_1 
_ndb_struct_na_base_pair_step.j_label_comp_id_1 
_ndb_struct_na_base_pair_step.j_label_seq_id_1 
_ndb_struct_na_base_pair_step.j_symmetry_1 
_ndb_struct_na_base_pair_step.i_label_asym_id_2 
_ndb_struct_na_base_pair_step.i_label_comp_id_2 
_ndb_struct_na_base_pair_step.i_label_seq_id_2 
_ndb_struct_na_base_pair_step.i_symmetry_2 
_ndb_struct_na_base_pair_step.j_label_asym_id_2 
_ndb_struct_na_base_pair_step.j_label_comp_id_2 
_ndb_struct_na_base_pair_step.j_label_seq_id_2 
_ndb_struct_na_base_pair_step.j_symmetry_2 
_ndb_struct_na_base_pair_step.shift 
_ndb_struct_na_base_pair_step.slide 
_ndb_struct_na_base_pair_step.rise 
_ndb_struct_na_base_pair_step.tilt 
_ndb_struct_na_base_pair_step.roll 
_ndb_struct_na_base_pair_step.twist 
_ndb_struct_na_base_pair_step.x_displacement 
_ndb_struct_na_base_pair_step.y_displacement 
_ndb_struct_na_base_pair_step.helical_rise 
_ndb_struct_na_base_pair_step.inclination 
_ndb_struct_na_base_pair_step.tip 
_ndb_struct_na_base_pair_step.helical_twist 
_ndb_struct_na_base_pair_step.step_number 
_ndb_struct_na_base_pair_step.step_name 
_ndb_struct_na_base_pair_step.i_auth_asym_id_1 
_ndb_struct_na_base_pair_step.i_auth_seq_id_1 
_ndb_struct_na_base_pair_step.i_PDB_ins_code_1 
_ndb_struct_na_base_pair_step.j_auth_asym_id_1 
_ndb_struct_na_base_pair_step.j_auth_seq_id_1 
_ndb_struct_na_base_pair_step.j_PDB_ins_code_1 
_ndb_struct_na_base_pair_step.i_auth_asym_id_2 
_ndb_struct_na_base_pair_step.i_auth_seq_id_2 
_ndb_struct_na_base_pair_step.i_PDB_ins_code_2 
_ndb_struct_na_base_pair_step.j_auth_asym_id_2 
_ndb_struct_na_base_pair_step.j_auth_seq_id_2 
_ndb_struct_na_base_pair_step.j_PDB_ins_code_2 
1 A DA 1 1_555 B DT 10 1_555 A DT 2  1_555 B DA 9 1_555 -0.706 -1.016 3.031 3.720  5.504  32.743 -2.581 1.778  2.734 9.639  -6.515 
33.392 1 AA_DA1DT2:DA9DT10_BB A 1 ? B 10 ? A 2  ? B 9 ? 
1 A DT 2 1_555 B DA 9  1_555 A DA 3  1_555 B DT 8 1_555 0.115  -0.403 3.452 0.035  7.660  35.115 -1.796 -0.181 3.295 12.512 -0.057 
35.915 2 AA_DT2DA3:DT8DA9_BB  A 2 ? B 9  ? A 3  ? B 8 ? 
1 A DA 3 1_555 B DT 8  1_555 A DT 4  1_555 B DA 7 1_555 -0.693 -0.456 3.086 -0.823 2.346  31.499 -1.248 1.130  3.061 4.313  1.513  
31.595 3 AA_DA3DT4:DA7DT8_BB  A 3 ? B 8  ? A 4  ? B 7 ? 
1 A DT 4 1_555 B DA 7  1_555 A DA 5  1_555 B DT 6 1_555 0.462  0.675  3.477 -1.219 -6.351 45.399 1.444  -0.704 3.345 -8.179 1.571  
45.833 4 AA_DT4DA5:DT6DA7_BB  A 4 ? B 7  ? A 5  ? B 6 ? 
1 A DA 5 1_555 B DT 6  1_555 A DT 6  1_555 B DA 5 1_555 0.139  -0.158 3.072 3.221  -2.033 30.419 0.079  0.335  3.074 -3.856 -6.108 
30.651 5 AA_DA5DT6:DA5DT6_BB  A 5 ? B 6  ? A 6  ? B 5 ? 
1 A DT 6 1_555 B DA 5  1_555 A DA 7  1_555 B DT 4 1_555 -0.423 0.942  3.487 -2.812 0.482  43.671 1.215  0.280  3.516 0.648  3.775  
43.760 6 AA_DT6DA7:DT4DA5_BB  A 6 ? B 5  ? A 7  ? B 4 ? 
1 A DA 7 1_555 B DT 4  1_555 A DT 8  1_555 B DA 3 1_555 0.318  -0.444 3.148 0.955  -5.303 33.496 0.068  -0.395 3.187 -9.128 -1.643 
33.915 7 AA_DA7DT8:DA3DT4_BB  A 7 ? B 4  ? A 8  ? B 3 ? 
1 A DT 8 1_555 B DA 3  1_555 A DA 9  1_555 B DT 2 1_555 0.935  0.461  3.432 2.576  1.882  39.800 0.446  -1.055 3.501 2.759  -3.777 
39.923 8 AA_DT8DA9:DT2DA3_BB  A 8 ? B 3  ? A 9  ? B 2 ? 
1 A DA 9 1_555 B DT 2  1_555 A DT 10 1_555 B DA 1 1_555 0.776  -2.110 3.165 -4.020 -1.268 73.501 -1.722 -0.772 3.156 -1.059 3.356  
73.605 9 AA_DA9DT10:DA1DT2_BB A 9 ? B 2  ? A 10 ? B 1 ? 
# 
_pdbx_initial_refinement_model.accession_code   ? 
_pdbx_initial_refinement_model.id               1 
_pdbx_initial_refinement_model.entity_id_list   ? 
_pdbx_initial_refinement_model.type             'in silico model' 
_pdbx_initial_refinement_model.source_name      Other 
_pdbx_initial_refinement_model.details          'standard watson-crick DNA' 
# 
_atom_sites.entry_id                    3EY0 
_atom_sites.fract_transf_matrix[1][1]   0.00289712 
_atom_sites.fract_transf_matrix[1][2]   0.02210184 
_atom_sites.fract_transf_matrix[1][3]   0.03506676 
_atom_sites.fract_transf_matrix[2][1]   0.03650411 
_atom_sites.fract_transf_matrix[2][2]   0.01629917 
_atom_sites.fract_transf_matrix[2][3]   0.01132942 
_atom_sites.fract_transf_matrix[3][1]   -0.00068860 
_atom_sites.fract_transf_matrix[3][2]   0.00267428 
_atom_sites.fract_transf_matrix[3][3]   -0.00162865 
_atom_sites.fract_transf_vector[1]      0.805254 
_atom_sites.fract_transf_vector[2]      0.452178 
_atom_sites.fract_transf_vector[3]      0.289732 
# 
loop_
_atom_type.symbol 
C  
MG 
N  
O  
P  
# 
loop_
_atom_site.group_PDB 
_atom_site.id 
_atom_site.type_symbol 
_atom_site.label_atom_id 
_atom_site.label_alt_id 
_atom_site.label_comp_id 
_atom_site.label_asym_id 
_atom_site.label_entity_id 
_atom_site.label_seq_id 
_atom_site.pdbx_PDB_ins_code 
_atom_site.Cartn_x 
_atom_site.Cartn_y 
_atom_site.Cartn_z 
_atom_site.occupancy 
_atom_site.B_iso_or_equiv 
_atom_site.pdbx_formal_charge 
_atom_site.auth_seq_id 
_atom_site.auth_comp_id 
_atom_site.auth_asym_id 
_atom_site.auth_atom_id 
_atom_site.pdbx_PDB_model_num 
ATOM   1   O  "O5'" . DA  A 1 1  ? -3.682  10.755  -11.649 1.00 51.28 ? 1  DA  A "O5'" 1 
ATOM   2   C  "C5'" . DA  A 1 1  ? -4.609  10.914  -12.729 1.00 51.10 ? 1  DA  A "C5'" 1 
ATOM   3   C  "C4'" . DA  A 1 1  ? -4.390  9.887   -13.837 1.00 51.20 ? 1  DA  A "C4'" 1 
ATOM   4   O  "O4'" . DA  A 1 1  ? -3.074  10.022  -14.421 1.00 50.31 ? 1  DA  A "O4'" 1 
ATOM   5   C  "C3'" . DA  A 1 1  ? -4.450  8.427   -13.415 1.00 50.48 ? 1  DA  A "C3'" 1 
ATOM   6   O  "O3'" . DA  A 1 1  ? -5.795  8.009   -13.465 1.00 51.47 ? 1  DA  A "O3'" 1 
ATOM   7   C  "C2'" . DA  A 1 1  ? -3.572  7.722   -14.438 1.00 49.53 ? 1  DA  A "C2'" 1 
ATOM   8   C  "C1'" . DA  A 1 1  ? -2.496  8.759   -14.672 1.00 48.98 ? 1  DA  A "C1'" 1 
ATOM   9   N  N9    . DA  A 1 1  ? -1.304  8.640   -13.830 1.00 47.72 ? 1  DA  A N9    1 
ATOM   10  C  C8    . DA  A 1 1  ? -0.812  9.559   -12.939 1.00 46.47 ? 1  DA  A C8    1 
ATOM   11  N  N7    . DA  A 1 1  ? 0.288   9.195   -12.343 1.00 45.54 ? 1  DA  A N7    1 
ATOM   12  C  C5    . DA  A 1 1  ? 0.553   7.946   -12.888 1.00 45.56 ? 1  DA  A C5    1 
ATOM   13  C  C6    . DA  A 1 1  ? 1.599   7.024   -12.679 1.00 43.68 ? 1  DA  A C6    1 
ATOM   14  N  N6    . DA  A 1 1  ? 2.611   7.230   -11.831 1.00 41.40 ? 1  DA  A N6    1 
ATOM   15  N  N1    . DA  A 1 1  ? 1.550   5.871   -13.373 1.00 44.39 ? 1  DA  A N1    1 
ATOM   16  C  C2    . DA  A 1 1  ? 0.539   5.653   -14.221 1.00 46.01 ? 1  DA  A C2    1 
ATOM   17  N  N3    . DA  A 1 1  ? -0.488  6.446   -14.517 1.00 46.37 ? 1  DA  A N3    1 
ATOM   18  C  C4    . DA  A 1 1  ? -0.420  7.585   -13.804 1.00 46.61 ? 1  DA  A C4    1 
ATOM   19  P  P     . DT  A 1 2  ? -6.406  7.076   -12.317 1.00 51.16 ? 2  DT  A P     1 
ATOM   20  O  OP1   . DT  A 1 2  ? -7.872  6.975   -12.563 1.00 51.61 ? 2  DT  A OP1   1 
ATOM   21  O  OP2   . DT  A 1 2  ? -5.872  7.518   -11.002 1.00 49.65 ? 2  DT  A OP2   1 
ATOM   22  O  "O5'" . DT  A 1 2  ? -5.712  5.694   -12.717 1.00 51.70 ? 2  DT  A "O5'" 1 
ATOM   23  C  "C5'" . DT  A 1 2  ? -5.919  5.160   -14.027 1.00 52.59 ? 2  DT  A "C5'" 1 
ATOM   24  C  "C4'" . DT  A 1 2  ? -5.302  3.777   -14.127 1.00 53.04 ? 2  DT  A "C4'" 1 
ATOM   25  O  "O4'" . DT  A 1 2  ? -3.862  3.847   -13.904 1.00 52.55 ? 2  DT  A "O4'" 1 
ATOM   26  C  "C3'" . DT  A 1 2  ? -5.846  2.854   -13.043 1.00 53.59 ? 2  DT  A "C3'" 1 
ATOM   27  O  "O3'" . DT  A 1 2  ? -5.885  1.496   -13.441 1.00 54.32 ? 2  DT  A "O3'" 1 
ATOM   28  C  "C2'" . DT  A 1 2  ? -4.845  3.036   -11.911 1.00 53.47 ? 2  DT  A "C2'" 1 
ATOM   29  C  "C1'" . DT  A 1 2  ? -3.553  3.152   -12.703 1.00 52.85 ? 2  DT  A "C1'" 1 
ATOM   30  N  N1    . DT  A 1 2  ? -2.480  3.882   -11.951 1.00 52.49 ? 2  DT  A N1    1 
ATOM   31  C  C2    . DT  A 1 2  ? -1.230  3.293   -11.856 1.00 51.88 ? 2  DT  A C2    1 
ATOM   32  O  O2    . DT  A 1 2  ? -0.936  2.203   -12.352 1.00 50.51 ? 2  DT  A O2    1 
ATOM   33  N  N3    . DT  A 1 2  ? -0.326  4.053   -11.156 1.00 50.17 ? 2  DT  A N3    1 
ATOM   34  C  C4    . DT  A 1 2  ? -0.523  5.272   -10.565 1.00 49.82 ? 2  DT  A C4    1 
ATOM   35  O  O4    . DT  A 1 2  ? 0.391   5.831   -9.963  1.00 51.25 ? 2  DT  A O4    1 
ATOM   36  C  C5    . DT  A 1 2  ? -1.852  5.825   -10.698 1.00 49.87 ? 2  DT  A C5    1 
ATOM   37  C  C7    . DT  A 1 2  ? -2.199  7.154   -10.092 1.00 48.87 ? 2  DT  A C7    1 
ATOM   38  C  C6    . DT  A 1 2  ? -2.751  5.116   -11.378 1.00 50.98 ? 2  DT  A C6    1 
ATOM   39  P  P     . DA  A 1 3  ? -6.585  0.436   -12.448 1.00 54.71 ? 3  DA  A P     1 
ATOM   40  O  OP1   . DA  A 1 3  ? -7.425  -0.367  -13.374 1.00 56.43 ? 3  DA  A OP1   1 
ATOM   41  O  OP2   . DA  A 1 3  ? -7.142  1.106   -11.244 1.00 51.21 ? 3  DA  A OP2   1 
ATOM   42  O  "O5'" . DA  A 1 3  ? -5.344  -0.446  -11.948 1.00 53.93 ? 3  DA  A "O5'" 1 
ATOM   43  C  "C5'" . DA  A 1 3  ? -4.497  -1.094  -12.898 1.00 52.63 ? 3  DA  A "C5'" 1 
ATOM   44  C  "C4'" . DA  A 1 3  ? -3.449  -1.853  -12.122 1.00 52.40 ? 3  DA  A "C4'" 1 
ATOM   45  O  "O4'" . DA  A 1 3  ? -2.565  -0.853  -11.559 1.00 51.61 ? 3  DA  A "O4'" 1 
ATOM   46  C  "C3'" . DA  A 1 3  ? -4.022  -2.667  -10.949 1.00 52.81 ? 3  DA  A "C3'" 1 
ATOM   47  O  "O3'" . DA  A 1 3  ? -3.552  -4.026  -10.949 1.00 53.67 ? 3  DA  A "O3'" 1 
ATOM   48  C  "C2'" . DA  A 1 3  ? -3.568  -1.900  -9.706  1.00 51.70 ? 3  DA  A "C2'" 1 
ATOM   49  C  "C1'" . DA  A 1 3  ? -2.336  -1.171  -10.206 1.00 51.64 ? 3  DA  A "C1'" 1 
ATOM   50  N  N9    . DA  A 1 3  ? -2.076  0.099   -9.562  1.00 51.93 ? 3  DA  A N9    1 
ATOM   51  C  C8    . DA  A 1 3  ? -2.947  1.144   -9.419  1.00 52.22 ? 3  DA  A C8    1 
ATOM   52  N  N7    . DA  A 1 3  ? -2.421  2.176   -8.795  1.00 52.57 ? 3  DA  A N7    1 
ATOM   53  C  C5    . DA  A 1 3  ? -1.116  1.781   -8.528  1.00 51.27 ? 3  DA  A C5    1 
ATOM   54  C  C6    . DA  A 1 3  ? -0.035  2.420   -7.888  1.00 50.12 ? 3  DA  A C6    1 
ATOM   55  N  N6    . DA  A 1 3  ? -0.088  3.670   -7.388  1.00 47.59 ? 3  DA  A N6    1 
ATOM   56  N  N1    . DA  A 1 3  ? 1.112   1.709   -7.796  1.00 48.60 ? 3  DA  A N1    1 
ATOM   57  C  C2    . DA  A 1 3  ? 1.187   0.476   -8.290  1.00 50.25 ? 3  DA  A C2    1 
ATOM   58  N  N3    . DA  A 1 3  ? 0.252   -0.229  -8.909  1.00 51.57 ? 3  DA  A N3    1 
ATOM   59  C  C4    . DA  A 1 3  ? -0.886  0.493   -8.997  1.00 52.36 ? 3  DA  A C4    1 
ATOM   60  P  P     . DT  A 1 4  ? -4.049  -5.084  -9.834  1.00 56.69 ? 4  DT  A P     1 
ATOM   61  O  OP1   . DT  A 1 4  ? -4.130  -6.383  -10.564 1.00 58.12 ? 4  DT  A OP1   1 
ATOM   62  O  OP2   . DT  A 1 4  ? -5.189  -4.543  -9.029  1.00 54.47 ? 4  DT  A OP2   1 
ATOM   63  O  "O5'" . DT  A 1 4  ? -2.828  -5.129  -8.806  1.00 54.21 ? 4  DT  A "O5'" 1 
ATOM   64  C  "C5'" . DT  A 1 4  ? -1.608  -5.672  -9.255  1.00 54.09 ? 4  DT  A "C5'" 1 
ATOM   65  C  "C4'" . DT  A 1 4  ? -0.567  -5.486  -8.181  1.00 53.49 ? 4  DT  A "C4'" 1 
ATOM   66  O  "O4'" . DT  A 1 4  ? -0.479  -4.089  -7.824  1.00 52.04 ? 4  DT  A "O4'" 1 
ATOM   67  C  "C3'" . DT  A 1 4  ? -0.876  -6.197  -6.874  1.00 53.57 ? 4  DT  A "C3'" 1 
ATOM   68  O  "O3'" . DT  A 1 4  ? 0.365   -6.622  -6.351  1.00 54.90 ? 4  DT  A "O3'" 1 
ATOM   69  C  "C2'" . DT  A 1 4  ? -1.480  -5.106  -5.999  1.00 52.52 ? 4  DT  A "C2'" 1 
ATOM   70  C  "C1'" . DT  A 1 4  ? -0.526  -3.992  -6.411  1.00 52.09 ? 4  DT  A "C1'" 1 
ATOM   71  N  N1    . DT  A 1 4  ? -0.888  -2.590  -6.059  1.00 50.88 ? 4  DT  A N1    1 
ATOM   72  C  C2    . DT  A 1 4  ? 0.105   -1.797  -5.551  1.00 49.95 ? 4  DT  A C2    1 
ATOM   73  O  O2    . DT  A 1 4  ? 1.243   -2.211  -5.368  1.00 49.75 ? 4  DT  A O2    1 
ATOM   74  N  N3    . DT  A 1 4  ? -0.288  -0.507  -5.270  1.00 48.72 ? 4  DT  A N3    1 
ATOM   75  C  C4    . DT  A 1 4  ? -1.539  0.056   -5.427  1.00 49.74 ? 4  DT  A C4    1 
ATOM   76  O  O4    . DT  A 1 4  ? -1.793  1.236   -5.144  1.00 50.21 ? 4  DT  A O4    1 
ATOM   77  C  C5    . DT  A 1 4  ? -2.527  -0.845  -5.973  1.00 50.38 ? 4  DT  A C5    1 
ATOM   78  C  C7    . DT  A 1 4  ? -3.927  -0.378  -6.219  1.00 50.40 ? 4  DT  A C7    1 
ATOM   79  C  C6    . DT  A 1 4  ? -2.162  -2.105  -6.265  1.00 51.14 ? 4  DT  A C6    1 
ATOM   80  P  P     . DA  A 1 5  ? 0.540   -7.959  -5.495  1.00 53.12 ? 5  DA  A P     1 
ATOM   81  O  OP1   . DA  A 1 5  ? 0.815   -9.049  -6.472  1.00 54.22 ? 5  DA  A OP1   1 
ATOM   82  O  OP2   . DA  A 1 5  ? -0.594  -8.060  -4.539  1.00 53.31 ? 5  DA  A OP2   1 
ATOM   83  O  "O5'" . DA  A 1 5  ? 1.866   -7.593  -4.674  1.00 52.45 ? 5  DA  A "O5'" 1 
ATOM   84  C  "C5'" . DA  A 1 5  ? 2.914   -6.828  -5.285  1.00 51.24 ? 5  DA  A "C5'" 1 
ATOM   85  C  "C4'" . DA  A 1 5  ? 3.754   -6.145  -4.228  1.00 50.51 ? 5  DA  A "C4'" 1 
ATOM   86  O  "O4'" . DA  A 1 5  ? 3.162   -4.874  -3.818  1.00 50.67 ? 5  DA  A "O4'" 1 
ATOM   87  C  "C3'" . DA  A 1 5  ? 3.882   -6.937  -2.940  1.00 50.55 ? 5  DA  A "C3'" 1 
ATOM   88  O  "O3'" . DA  A 1 5  ? 5.164   -6.645  -2.417  1.00 50.65 ? 5  DA  A "O3'" 1 
ATOM   89  C  "C2'" . DA  A 1 5  ? 2.733   -6.405  -2.077  1.00 50.32 ? 5  DA  A "C2'" 1 
ATOM   90  C  "C1'" . DA  A 1 5  ? 2.687   -4.927  -2.463  1.00 50.92 ? 5  DA  A "C1'" 1 
ATOM   91  N  N9    . DA  A 1 5  ? 1.382   -4.247  -2.457  1.00 50.07 ? 5  DA  A N9    1 
ATOM   92  C  C8    . DA  A 1 5  ? 0.165   -4.735  -2.873  1.00 50.63 ? 5  DA  A C8    1 
ATOM   93  N  N7    . DA  A 1 5  ? -0.823  -3.870  -2.775  1.00 50.17 ? 5  DA  A N7    1 
ATOM   94  C  C5    . DA  A 1 5  ? -0.211  -2.733  -2.262  1.00 48.55 ? 5  DA  A C5    1 
ATOM   95  C  C6    . DA  A 1 5  ? -0.713  -1.465  -1.930  1.00 46.50 ? 5  DA  A C6    1 
ATOM   96  N  N6    . DA  A 1 5  ? -1.989  -1.131  -2.087  1.00 46.16 ? 5  DA  A N6    1 
ATOM   97  N  N1    . DA  A 1 5  ? 0.149   -0.557  -1.445  1.00 46.56 ? 5  DA  A N1    1 
ATOM   98  C  C2    . DA  A 1 5  ? 1.435   -0.896  -1.287  1.00 46.83 ? 5  DA  A C2    1 
ATOM   99  N  N3    . DA  A 1 5  ? 2.021   -2.054  -1.569  1.00 47.48 ? 5  DA  A N3    1 
ATOM   100 C  C4    . DA  A 1 5  ? 1.141   -2.941  -2.067  1.00 48.80 ? 5  DA  A C4    1 
ATOM   101 P  P     . DT  A 1 6  ? 5.719   -7.320  -1.085  1.00 50.69 ? 6  DT  A P     1 
ATOM   102 O  OP1   . DT  A 1 6  ? 7.180   -7.412  -1.315  1.00 50.86 ? 6  DT  A OP1   1 
ATOM   103 O  OP2   . DT  A 1 6  ? 4.899   -8.516  -0.760  1.00 49.14 ? 6  DT  A OP2   1 
ATOM   104 O  "O5'" . DT  A 1 6  ? 5.497   -6.213  0.058   1.00 51.24 ? 6  DT  A "O5'" 1 
ATOM   105 C  "C5'" . DT  A 1 6  ? 6.086   -4.922  -0.092  1.00 51.44 ? 6  DT  A "C5'" 1 
ATOM   106 C  "C4'" . DT  A 1 6  ? 5.622   -3.953  0.988   1.00 51.37 ? 6  DT  A "C4'" 1 
ATOM   107 O  "O4'" . DT  A 1 6  ? 4.267   -3.511  0.724   1.00 50.80 ? 6  DT  A "O4'" 1 
ATOM   108 C  "C3'" . DT  A 1 6  ? 5.587   -4.544  2.399   1.00 52.06 ? 6  DT  A "C3'" 1 
ATOM   109 O  "O3'" . DT  A 1 6  ? 6.006   -3.556  3.347   1.00 54.18 ? 6  DT  A "O3'" 1 
ATOM   110 C  "C2'" . DT  A 1 6  ? 4.120   -4.882  2.601   1.00 51.00 ? 6  DT  A "C2'" 1 
ATOM   111 C  "C1'" . DT  A 1 6  ? 3.514   -3.657  1.924   1.00 51.35 ? 6  DT  A "C1'" 1 
ATOM   112 N  N1    . DT  A 1 6  ? 2.053   -3.701  1.594   1.00 50.67 ? 6  DT  A N1    1 
ATOM   113 C  C2    . DT  A 1 6  ? 1.356   -2.499  1.610   1.00 49.98 ? 6  DT  A C2    1 
ATOM   114 O  O2    . DT  A 1 6  ? 1.856   -1.419  1.896   1.00 49.84 ? 6  DT  A O2    1 
ATOM   115 N  N3    . DT  A 1 6  ? 0.024   -2.613  1.285   1.00 48.69 ? 6  DT  A N3    1 
ATOM   116 C  C4    . DT  A 1 6  ? -0.653  -3.764  0.963   1.00 49.13 ? 6  DT  A C4    1 
ATOM   117 O  O4    . DT  A 1 6  ? -1.839  -3.732  0.692   1.00 50.69 ? 6  DT  A O4    1 
ATOM   118 C  C5    . DT  A 1 6  ? 0.129   -4.982  0.963   1.00 48.71 ? 6  DT  A C5    1 
ATOM   119 C  C7    . DT  A 1 6  ? -0.490  -6.300  0.619   1.00 48.84 ? 6  DT  A C7    1 
ATOM   120 C  C6    . DT  A 1 6  ? 1.426   -4.897  1.267   1.00 49.47 ? 6  DT  A C6    1 
ATOM   121 P  P     . DA  A 1 7  ? 7.185   -3.828  4.394   1.00 55.42 ? 7  DA  A P     1 
ATOM   122 O  OP1   . DA  A 1 7  ? 8.434   -3.971  3.606   1.00 56.73 ? 7  DA  A OP1   1 
ATOM   123 O  OP2   . DA  A 1 7  ? 6.709   -4.922  5.294   1.00 55.12 ? 7  DA  A OP2   1 
ATOM   124 O  "O5'" . DA  A 1 7  ? 7.260   -2.454  5.231   1.00 54.50 ? 7  DA  A "O5'" 1 
ATOM   125 C  "C5'" . DA  A 1 7  ? 7.453   -1.204  4.580   1.00 52.90 ? 7  DA  A "C5'" 1 
ATOM   126 C  "C4'" . DA  A 1 7  ? 6.537   -0.137  5.171   1.00 52.68 ? 7  DA  A "C4'" 1 
ATOM   127 O  "O4'" . DA  A 1 7  ? 5.152   -0.343  4.776   1.00 51.63 ? 7  DA  A "O4'" 1 
ATOM   128 C  "C3'" . DA  A 1 7  ? 6.521   -0.058  6.699   1.00 51.89 ? 7  DA  A "C3'" 1 
ATOM   129 O  "O3'" . DA  A 1 7  ? 6.595   1.322   7.083   1.00 52.76 ? 7  DA  A "O3'" 1 
ATOM   130 C  "C2'" . DA  A 1 7  ? 5.213   -0.732  7.111   1.00 51.14 ? 7  DA  A "C2'" 1 
ATOM   131 C  "C1'" . DA  A 1 7  ? 4.317   -0.415  5.924   1.00 50.98 ? 7  DA  A "C1'" 1 
ATOM   132 N  N9    . DA  A 1 7  ? 3.319   -1.439  5.631   1.00 50.59 ? 7  DA  A N9    1 
ATOM   133 C  C8    . DA  A 1 7  ? 3.539   -2.790  5.448   1.00 50.67 ? 7  DA  A C8    1 
ATOM   134 N  N7    . DA  A 1 7  ? 2.440   -3.468  5.175   1.00 50.21 ? 7  DA  A N7    1 
ATOM   135 C  C5    . DA  A 1 7  ? 1.444   -2.497  5.161   1.00 49.03 ? 7  DA  A C5    1 
ATOM   136 C  C6    . DA  A 1 7  ? 0.056   -2.558  4.927   1.00 47.60 ? 7  DA  A C6    1 
ATOM   137 N  N6    . DA  A 1 7  ? -0.627  -3.668  4.647   1.00 45.83 ? 7  DA  A N6    1 
ATOM   138 N  N1    . DA  A 1 7  ? -0.615  -1.400  4.998   1.00 48.43 ? 7  DA  A N1    1 
ATOM   139 C  C2    . DA  A 1 7  ? 0.032   -0.266  5.274   1.00 48.63 ? 7  DA  A C2    1 
ATOM   140 N  N3    . DA  A 1 7  ? 1.325   -0.084  5.497   1.00 48.77 ? 7  DA  A N3    1 
ATOM   141 C  C4    . DA  A 1 7  ? 1.976   -1.246  5.433   1.00 49.01 ? 7  DA  A C4    1 
ATOM   142 P  P     . DT  A 1 8  ? 6.640   1.815   8.617   1.00 54.19 ? 8  DT  A P     1 
ATOM   143 O  OP1   . DT  A 1 8  ? 7.273   3.168   8.698   1.00 53.77 ? 8  DT  A OP1   1 
ATOM   144 O  OP2   . DT  A 1 8  ? 7.071   0.679   9.472   1.00 53.39 ? 8  DT  A OP2   1 
ATOM   145 O  "O5'" . DT  A 1 8  ? 5.081   2.022   8.891   1.00 53.93 ? 8  DT  A "O5'" 1 
ATOM   146 C  "C5'" . DT  A 1 8  ? 4.398   3.128   8.326   1.00 51.88 ? 8  DT  A "C5'" 1 
ATOM   147 C  "C4'" . DT  A 1 8  ? 2.948   3.001   8.735   1.00 50.99 ? 8  DT  A "C4'" 1 
ATOM   148 O  "O4'" . DT  A 1 8  ? 2.450   1.706   8.338   1.00 49.41 ? 8  DT  A "O4'" 1 
ATOM   149 C  "C3'" . DT  A 1 8  ? 2.714   3.067   10.237  1.00 50.47 ? 8  DT  A "C3'" 1 
ATOM   150 O  "O3'" . DT  A 1 8  ? 1.960   4.238   10.512  1.00 50.74 ? 8  DT  A "O3'" 1 
ATOM   151 C  "C2'" . DT  A 1 8  ? 1.970   1.779   10.585  1.00 50.07 ? 8  DT  A "C2'" 1 
ATOM   152 C  "C1'" . DT  A 1 8  ? 1.415   1.389   9.229   1.00 49.90 ? 8  DT  A "C1'" 1 
ATOM   153 N  N1    . DT  A 1 8  ? 1.110   -0.030  9.002   1.00 50.10 ? 8  DT  A N1    1 
ATOM   154 C  C2    . DT  A 1 8  ? -0.149  -0.370  8.555   1.00 50.10 ? 8  DT  A C2    1 
ATOM   155 O  O2    . DT  A 1 8  ? -1.034  0.452   8.340   1.00 48.49 ? 8  DT  A O2    1 
ATOM   156 N  N3    . DT  A 1 8  ? -0.321  -1.729  8.363   1.00 50.41 ? 8  DT  A N3    1 
ATOM   157 C  C4    . DT  A 1 8  ? 0.601   -2.755  8.548   1.00 50.43 ? 8  DT  A C4    1 
ATOM   158 O  O4    . DT  A 1 8  ? 0.340   -3.947  8.333   1.00 48.92 ? 8  DT  A O4    1 
ATOM   159 C  C5    . DT  A 1 8  ? 1.894   -2.313  9.026   1.00 51.19 ? 8  DT  A C5    1 
ATOM   160 C  C7    . DT  A 1 8  ? 2.986   -3.323  9.273   1.00 51.41 ? 8  DT  A C7    1 
ATOM   161 C  C6    . DT  A 1 8  ? 2.086   -0.991  9.220   1.00 50.95 ? 8  DT  A C6    1 
ATOM   162 P  P     . DA  A 1 9  ? 1.490   4.584   12.004  1.00 50.08 ? 9  DA  A P     1 
ATOM   163 O  OP1   . DA  A 1 9  ? 1.374   6.062   12.062  1.00 50.49 ? 9  DA  A OP1   1 
ATOM   164 O  OP2   . DA  A 1 9  ? 2.343   3.842   12.967  1.00 49.05 ? 9  DA  A OP2   1 
ATOM   165 O  "O5'" . DA  A 1 9  ? 0.021   3.922   12.016  1.00 50.73 ? 9  DA  A "O5'" 1 
ATOM   166 C  "C5'" . DA  A 1 9  ? -0.950  4.322   11.057  1.00 49.31 ? 9  DA  A "C5'" 1 
ATOM   167 C  "C4'" . DA  A 1 9  ? -2.318  3.721   11.350  1.00 49.37 ? 9  DA  A "C4'" 1 
ATOM   168 O  "O4'" . DA  A 1 9  ? -2.346  2.316   10.956  1.00 48.35 ? 9  DA  A "O4'" 1 
ATOM   169 C  "C3'" . DA  A 1 9  ? -2.756  3.790   12.821  1.00 50.24 ? 9  DA  A "C3'" 1 
ATOM   170 O  "O3'" . DA  A 1 9  ? -4.121  4.210   12.888  1.00 46.34 ? 9  DA  A "O3'" 1 
ATOM   171 C  "C2'" . DA  A 1 9  ? -2.594  2.358   13.321  1.00 50.24 ? 9  DA  A "C2'" 1 
ATOM   172 C  "C1'" . DA  A 1 9  ? -2.737  1.517   12.056  1.00 49.32 ? 9  DA  A "C1'" 1 
ATOM   173 N  N9    . DA  A 1 9  ? -1.895  0.325   12.059  1.00 48.65 ? 9  DA  A N9    1 
ATOM   174 C  C8    . DA  A 1 9  ? -0.590  0.195   12.446  1.00 48.74 ? 9  DA  A C8    1 
ATOM   175 N  N7    . DA  A 1 9  ? -0.119  -1.016  12.318  1.00 49.50 ? 9  DA  A N7    1 
ATOM   176 C  C5    . DA  A 1 9  ? -1.204  -1.725  11.817  1.00 49.36 ? 9  DA  A C5    1 
ATOM   177 C  C6    . DA  A 1 9  ? -1.390  -3.073  11.449  1.00 50.47 ? 9  DA  A C6    1 
ATOM   178 N  N6    . DA  A 1 9  ? -0.451  -4.026  11.532  1.00 47.14 ? 9  DA  A N6    1 
ATOM   179 N  N1    . DA  A 1 9  ? -2.618  -3.410  10.981  1.00 52.88 ? 9  DA  A N1    1 
ATOM   180 C  C2    . DA  A 1 9  ? -3.581  -2.481  10.910  1.00 50.29 ? 9  DA  A C2    1 
ATOM   181 N  N3    . DA  A 1 9  ? -3.509  -1.203  11.201  1.00 48.77 ? 9  DA  A N3    1 
ATOM   182 C  C4    . DA  A 1 9  ? -2.296  -0.904  11.657  1.00 47.88 ? 9  DA  A C4    1 
ATOM   183 P  P     . DT  A 1 10 ? -4.958  4.227   14.236  1.00 46.09 ? 10 DT  A P     1 
ATOM   184 O  OP1   . DT  A 1 10 ? -5.844  5.416   14.165  1.00 41.18 ? 10 DT  A OP1   1 
ATOM   185 O  OP2   . DT  A 1 10 ? -4.016  3.947   15.351  1.00 40.87 ? 10 DT  A OP2   1 
ATOM   186 O  "O5'" . DT  A 1 10 ? -5.875  2.940   14.150  1.00 45.60 ? 10 DT  A "O5'" 1 
ATOM   187 C  "C5'" . DT  A 1 10 ? -6.528  2.610   12.946  1.00 52.29 ? 10 DT  A "C5'" 1 
ATOM   188 C  "C4'" . DT  A 1 10 ? -7.139  1.225   13.054  1.00 54.92 ? 10 DT  A "C4'" 1 
ATOM   189 O  "O4'" . DT  A 1 10 ? -6.073  0.242   12.969  1.00 45.75 ? 10 DT  A "O4'" 1 
ATOM   190 C  "C3'" . DT  A 1 10 ? -7.895  0.964   14.362  1.00 61.23 ? 10 DT  A "C3'" 1 
ATOM   191 O  "O3'" . DT  A 1 10 ? -9.238  0.603   14.109  1.00 48.28 ? 10 DT  A "O3'" 1 
ATOM   192 C  "C2'" . DT  A 1 10 ? -7.114  -0.166  15.034  1.00 47.88 ? 10 DT  A "C2'" 1 
ATOM   193 C  "C1'" . DT  A 1 10 ? -6.378  -0.808  13.861  1.00 48.73 ? 10 DT  A "C1'" 1 
ATOM   194 N  N1    . DT  A 1 10 ? -5.103  -1.505  14.202  1.00 49.74 ? 10 DT  A N1    1 
ATOM   195 C  C2    . DT  A 1 10 ? -4.962  -2.834  13.855  1.00 43.05 ? 10 DT  A C2    1 
ATOM   196 O  O2    . DT  A 1 10 ? -5.831  -3.479  13.295  1.00 38.97 ? 10 DT  A O2    1 
ATOM   197 N  N3    . DT  A 1 10 ? -3.755  -3.386  14.211  1.00 43.21 ? 10 DT  A N3    1 
ATOM   198 C  C4    . DT  A 1 10 ? -2.698  -2.768  14.849  1.00 45.03 ? 10 DT  A C4    1 
ATOM   199 O  O4    . DT  A 1 10 ? -1.654  -3.374  15.100  1.00 42.70 ? 10 DT  A O4    1 
ATOM   200 C  C5    . DT  A 1 10 ? -2.909  -1.372  15.186  1.00 54.34 ? 10 DT  A C5    1 
ATOM   201 C  C7    . DT  A 1 10 ? -1.829  -0.587  15.891  1.00 37.81 ? 10 DT  A C7    1 
ATOM   202 C  C6    . DT  A 1 10 ? -4.087  -0.811  14.838  1.00 36.83 ? 10 DT  A C6    1 
ATOM   203 O  "O5'" . DA  B 1 1  ? -4.100  -12.287 13.225  1.00 51.64 ? 1  DA  B "O5'" 1 
ATOM   204 C  "C5'" . DA  B 1 1  ? -5.224  -12.374 14.094  1.00 57.36 ? 1  DA  B "C5'" 1 
ATOM   205 C  "C4'" . DA  B 1 1  ? -6.406  -11.567 13.584  1.00 73.89 ? 1  DA  B "C4'" 1 
ATOM   206 O  "O4'" . DA  B 1 1  ? -6.301  -10.200 14.066  1.00 54.90 ? 1  DA  B "O4'" 1 
ATOM   207 C  "C3'" . DA  B 1 1  ? -6.498  -11.498 12.062  1.00 59.83 ? 1  DA  B "C3'" 1 
ATOM   208 O  "O3'" . DA  B 1 1  ? -7.841  -11.612 11.594  1.00 68.08 ? 1  DA  B "O3'" 1 
ATOM   209 C  "C2'" . DA  B 1 1  ? -5.930  -10.132 11.738  1.00 69.61 ? 1  DA  B "C2'" 1 
ATOM   210 C  "C1'" . DA  B 1 1  ? -6.219  -9.298  12.975  1.00 60.43 ? 1  DA  B "C1'" 1 
ATOM   211 N  N9    . DA  B 1 1  ? -5.171  -8.304  13.200  1.00 48.66 ? 1  DA  B N9    1 
ATOM   212 C  C8    . DA  B 1 1  ? -5.332  -6.954  13.269  1.00 43.61 ? 1  DA  B C8    1 
ATOM   213 N  N7    . DA  B 1 1  ? -4.216  -6.296  13.471  1.00 44.96 ? 1  DA  B N7    1 
ATOM   214 C  C5    . DA  B 1 1  ? -3.254  -7.286  13.535  1.00 44.05 ? 1  DA  B C5    1 
ATOM   215 C  C6    . DA  B 1 1  ? -1.861  -7.248  13.724  1.00 48.98 ? 1  DA  B C6    1 
ATOM   216 N  N6    . DA  B 1 1  ? -1.177  -6.122  13.911  1.00 45.95 ? 1  DA  B N6    1 
ATOM   217 N  N1    . DA  B 1 1  ? -1.193  -8.421  13.714  1.00 72.97 ? 1  DA  B N1    1 
ATOM   218 C  C2    . DA  B 1 1  ? -1.877  -9.558  13.529  1.00 45.13 ? 1  DA  B C2    1 
ATOM   219 N  N3    . DA  B 1 1  ? -3.184  -9.718  13.335  1.00 47.01 ? 1  DA  B N3    1 
ATOM   220 C  C4    . DA  B 1 1  ? -3.820  -8.531  13.354  1.00 56.58 ? 1  DA  B C4    1 
ATOM   221 P  P     . DT  B 1 2  ? -8.246  -11.677 10.030  1.00 77.96 ? 2  DT  B P     1 
ATOM   222 O  OP1   . DT  B 1 2  ? -9.580  -12.339 10.035  1.00 65.77 ? 2  DT  B OP1   1 
ATOM   223 O  OP2   . DT  B 1 2  ? -7.124  -12.181 9.170   1.00 57.12 ? 2  DT  B OP2   1 
ATOM   224 O  "O5'" . DT  B 1 2  ? -8.471  -10.138 9.665   1.00 61.46 ? 2  DT  B "O5'" 1 
ATOM   225 C  "C5'" . DT  B 1 2  ? -9.204  -9.305  10.549  1.00 61.59 ? 2  DT  B "C5'" 1 
ATOM   226 C  "C4'" . DT  B 1 2  ? -8.924  -7.888  10.109  1.00 57.67 ? 2  DT  B "C4'" 1 
ATOM   227 O  "O4'" . DT  B 1 2  ? -7.602  -7.492  10.551  1.00 53.29 ? 2  DT  B "O4'" 1 
ATOM   228 C  "C3'" . DT  B 1 2  ? -8.913  -7.770  8.580   1.00 73.45 ? 2  DT  B "C3'" 1 
ATOM   229 O  "O3'" . DT  B 1 2  ? -9.576  -6.579  8.177   1.00 74.73 ? 2  DT  B "O3'" 1 
ATOM   230 C  "C2'" . DT  B 1 2  ? -7.427  -7.734  8.233   1.00 76.95 ? 2  DT  B "C2'" 1 
ATOM   231 C  "C1'" . DT  B 1 2  ? -6.922  -6.934  9.433   1.00 85.68 ? 2  DT  B "C1'" 1 
ATOM   232 N  N1    . DT  B 1 2  ? -5.442  -6.949  9.672   1.00 61.13 ? 2  DT  B N1    1 
ATOM   233 C  C2    . DT  B 1 2  ? -4.870  -5.773  10.107  1.00 57.38 ? 2  DT  B C2    1 
ATOM   234 O  O2    . DT  B 1 2  ? -5.496  -4.738  10.307  1.00 59.66 ? 2  DT  B O2    1 
ATOM   235 N  N3    . DT  B 1 2  ? -3.519  -5.853  10.304  1.00 47.79 ? 2  DT  B N3    1 
ATOM   236 C  C4    . DT  B 1 2  ? -2.697  -6.946  10.137  1.00 51.45 ? 2  DT  B C4    1 
ATOM   237 O  O4    . DT  B 1 2  ? -1.490  -6.857  10.369  1.00 59.92 ? 2  DT  B O4    1 
ATOM   238 C  C5    . DT  B 1 2  ? -3.361  -8.151  9.683   1.00 57.35 ? 2  DT  B C5    1 
ATOM   239 C  C7    . DT  B 1 2  ? -2.593  -9.422  9.445   1.00 68.55 ? 2  DT  B C7    1 
ATOM   240 C  C6    . DT  B 1 2  ? -4.685  -8.096  9.474   1.00 53.92 ? 2  DT  B C6    1 
ATOM   241 P  P     . DA  B 1 3  ? -10.719 -6.595  7.061   1.00 56.85 ? 3  DA  B P     1 
ATOM   242 O  OP1   . DA  B 1 3  ? -11.891 -7.269  7.658   1.00 53.43 ? 3  DA  B OP1   1 
ATOM   243 O  OP2   . DA  B 1 3  ? -10.119 -7.040  5.763   1.00 44.58 ? 3  DA  B OP2   1 
ATOM   244 O  "O5'" . DA  B 1 3  ? -11.046 -5.031  6.930   1.00 80.00 ? 3  DA  B "O5'" 1 
ATOM   245 C  "C5'" . DA  B 1 3  ? -11.117 -4.180  8.082   1.00 71.73 ? 3  DA  B "C5'" 1 
ATOM   246 C  "C4'" . DA  B 1 3  ? -10.240 -2.955  7.885   1.00 58.36 ? 3  DA  B "C4'" 1 
ATOM   247 O  "O4'" . DA  B 1 3  ? -8.839  -3.293  8.050   1.00 60.39 ? 3  DA  B "O4'" 1 
ATOM   248 C  "C3'" . DA  B 1 3  ? -10.333 -2.313  6.506   1.00 66.97 ? 3  DA  B "C3'" 1 
ATOM   249 O  "O3'" . DA  B 1 3  ? -10.564 -0.935  6.748   1.00 54.24 ? 3  DA  B "O3'" 1 
ATOM   250 C  "C2'" . DA  B 1 3  ? -8.989  -2.606  5.817   1.00 39.79 ? 3  DA  B "C2'" 1 
ATOM   251 C  "C1'" . DA  B 1 3  ? -8.081  -2.659  7.035   1.00 48.59 ? 3  DA  B "C1'" 1 
ATOM   252 N  N9    . DA  B 1 3  ? -6.865  -3.451  6.927   1.00 53.12 ? 3  DA  B N9    1 
ATOM   253 C  C8    . DA  B 1 3  ? -6.756  -4.770  6.573   1.00 51.54 ? 3  DA  B C8    1 
ATOM   254 N  N7    . DA  B 1 3  ? -5.521  -5.209  6.606   1.00 48.67 ? 3  DA  B N7    1 
ATOM   255 C  C5    . DA  B 1 3  ? -4.772  -4.112  7.013   1.00 49.54 ? 3  DA  B C5    1 
ATOM   256 C  C6    . DA  B 1 3  ? -3.389  -3.914  7.244   1.00 51.53 ? 3  DA  B C6    1 
ATOM   257 N  N6    . DA  B 1 3  ? -2.450  -4.859  7.079   1.00 48.71 ? 3  DA  B N6    1 
ATOM   258 N  N1    . DA  B 1 3  ? -3.001  -2.683  7.654   1.00 44.12 ? 3  DA  B N1    1 
ATOM   259 C  C2    . DA  B 1 3  ? -3.918  -1.716  7.817   1.00 53.57 ? 3  DA  B C2    1 
ATOM   260 N  N3    . DA  B 1 3  ? -5.235  -1.780  7.630   1.00 50.56 ? 3  DA  B N3    1 
ATOM   261 C  C4    . DA  B 1 3  ? -5.596  -3.016  7.226   1.00 57.56 ? 3  DA  B C4    1 
ATOM   262 P  P     . DT  B 1 4  ? -10.996 0.101   5.614   1.00 56.61 ? 4  DT  B P     1 
ATOM   263 O  OP1   . DT  B 1 4  ? -12.110 0.883   6.260   1.00 66.74 ? 4  DT  B OP1   1 
ATOM   264 O  OP2   . DT  B 1 4  ? -11.139 -0.553  4.292   1.00 55.80 ? 4  DT  B OP2   1 
ATOM   265 O  "O5'" . DT  B 1 4  ? -9.681  0.998   5.477   1.00 69.75 ? 4  DT  B "O5'" 1 
ATOM   266 C  "C5'" . DT  B 1 4  ? -9.170  1.534   6.690   1.00 75.35 ? 4  DT  B "C5'" 1 
ATOM   267 C  "C4'" . DT  B 1 4  ? -7.854  2.219   6.440   1.00 49.51 ? 4  DT  B "C4'" 1 
ATOM   268 O  "O4'" . DT  B 1 4  ? -6.885  1.179   6.231   1.00 51.55 ? 4  DT  B "O4'" 1 
ATOM   269 C  "C3'" . DT  B 1 4  ? -7.816  3.102   5.199   1.00 64.89 ? 4  DT  B "C3'" 1 
ATOM   270 O  "O3'" . DT  B 1 4  ? -7.306  4.378   5.588   1.00 47.49 ? 4  DT  B "O3'" 1 
ATOM   271 C  "C2'" . DT  B 1 4  ? -6.870  2.381   4.236   1.00 55.61 ? 4  DT  B "C2'" 1 
ATOM   272 C  "C1'" . DT  B 1 4  ? -5.998  1.586   5.194   1.00 45.91 ? 4  DT  B "C1'" 1 
ATOM   273 N  N1    . DT  B 1 4  ? -5.355  0.316   4.733   1.00 55.25 ? 4  DT  B N1    1 
ATOM   274 C  C2    . DT  B 1 4  ? -4.021  0.153   4.999   1.00 56.13 ? 4  DT  B C2    1 
ATOM   275 O  O2    . DT  B 1 4  ? -3.340  1.021   5.546   1.00 49.35 ? 4  DT  B O2    1 
ATOM   276 N  N3    . DT  B 1 4  ? -3.524  -1.063  4.575   1.00 48.09 ? 4  DT  B N3    1 
ATOM   277 C  C4    . DT  B 1 4  ? -4.189  -2.101  3.933   1.00 72.27 ? 4  DT  B C4    1 
ATOM   278 O  O4    . DT  B 1 4  ? -3.614  -3.154  3.600   1.00 52.87 ? 4  DT  B O4    1 
ATOM   279 C  C5    . DT  B 1 4  ? -5.598  -1.849  3.707   1.00 52.45 ? 4  DT  B C5    1 
ATOM   280 C  C7    . DT  B 1 4  ? -6.447  -2.880  3.022   1.00 51.37 ? 4  DT  B C7    1 
ATOM   281 C  C6    . DT  B 1 4  ? -6.105  -0.674  4.113   1.00 49.81 ? 4  DT  B C6    1 
ATOM   282 P  P     . DA  B 1 5  ? -7.269  5.634   4.606   1.00 52.01 ? 5  DA  B P     1 
ATOM   283 O  OP1   . DA  B 1 5  ? -7.809  6.741   5.450   1.00 52.05 ? 5  DA  B OP1   1 
ATOM   284 O  OP2   . DA  B 1 5  ? -7.861  5.285   3.291   1.00 53.74 ? 5  DA  B OP2   1 
ATOM   285 O  "O5'" . DA  B 1 5  ? -5.715  5.865   4.341   1.00 47.81 ? 5  DA  B "O5'" 1 
ATOM   286 C  "C5'" . DA  B 1 5  ? -4.836  5.772   5.450   1.00 52.23 ? 5  DA  B "C5'" 1 
ATOM   287 C  "C4'" . DA  B 1 5  ? -3.376  5.921   5.058   1.00 45.52 ? 5  DA  B "C4'" 1 
ATOM   288 O  "O4'" . DA  B 1 5  ? -2.861  4.633   4.646   1.00 44.89 ? 5  DA  B "O4'" 1 
ATOM   289 C  "C3'" . DA  B 1 5  ? -3.087  6.884   3.914   1.00 54.96 ? 5  DA  B "C3'" 1 
ATOM   290 O  "O3'" . DA  B 1 5  ? -1.916  7.613   4.283   1.00 52.43 ? 5  DA  B "O3'" 1 
ATOM   291 C  "C2'" . DA  B 1 5  ? -2.919  5.971   2.692   1.00 54.44 ? 5  DA  B "C2'" 1 
ATOM   292 C  "C1'" . DA  B 1 5  ? -2.414  4.670   3.298   1.00 45.11 ? 5  DA  B "C1'" 1 
ATOM   293 N  N9    . DA  B 1 5  ? -2.887  3.431   2.690   1.00 44.17 ? 5  DA  B N9    1 
ATOM   294 C  C8    . DA  B 1 5  ? -4.151  3.128   2.263   1.00 61.41 ? 5  DA  B C8    1 
ATOM   295 N  N7    . DA  B 1 5  ? -4.278  1.915   1.778   1.00 43.52 ? 5  DA  B N7    1 
ATOM   296 C  C5    . DA  B 1 5  ? -3.006  1.384   1.902   1.00 53.80 ? 5  DA  B C5    1 
ATOM   297 C  C6    . DA  B 1 5  ? -2.473  0.123   1.557   1.00 44.68 ? 5  DA  B C6    1 
ATOM   298 N  N6    . DA  B 1 5  ? -3.193  -0.869  1.007   1.00 35.75 ? 5  DA  B N6    1 
ATOM   299 N  N1    . DA  B 1 5  ? -1.163  -0.068  1.823   1.00 45.53 ? 5  DA  B N1    1 
ATOM   300 C  C2    . DA  B 1 5  ? -0.445  0.921   2.372   1.00 55.45 ? 5  DA  B C2    1 
ATOM   301 N  N3    . DA  B 1 5  ? -0.828  2.143   2.732   1.00 43.13 ? 5  DA  B N3    1 
ATOM   302 C  C4    . DA  B 1 5  ? -2.140  2.304   2.471   1.00 47.66 ? 5  DA  B C4    1 
ATOM   303 P  P     . DT  B 1 6  ? -1.166  8.597   3.266   1.00 50.04 ? 6  DT  B P     1 
ATOM   304 O  OP1   . DT  B 1 6  ? -0.377  9.609   4.013   1.00 55.17 ? 6  DT  B OP1   1 
ATOM   305 O  OP2   . DT  B 1 6  ? -2.218  9.029   2.312   1.00 61.89 ? 6  DT  B OP2   1 
ATOM   306 O  "O5'" . DT  B 1 6  ? -0.128  7.627   2.538   1.00 57.13 ? 6  DT  B "O5'" 1 
ATOM   307 C  "C5'" . DT  B 1 6  ? 1.082   7.304   3.212   1.00 51.96 ? 6  DT  B "C5'" 1 
ATOM   308 C  "C4'" . DT  B 1 6  ? 1.889   6.335   2.385   1.00 45.36 ? 6  DT  B "C4'" 1 
ATOM   309 O  "O4'" . DT  B 1 6  ? 1.066   5.206   1.986   1.00 51.89 ? 6  DT  B "O4'" 1 
ATOM   310 C  "C3'" . DT  B 1 6  ? 2.394   6.944   1.078   1.00 62.76 ? 6  DT  B "C3'" 1 
ATOM   311 O  "O3'" . DT  B 1 6  ? 3.731   6.481   0.813   1.00 59.44 ? 6  DT  B "O3'" 1 
ATOM   312 C  "C2'" . DT  B 1 6  ? 1.426   6.411   0.030   1.00 50.64 ? 6  DT  B "C2'" 1 
ATOM   313 C  "C1'" . DT  B 1 6  ? 1.261   5.006   0.593   1.00 53.77 ? 6  DT  B "C1'" 1 
ATOM   314 N  N1    . DT  B 1 6  ? 0.155   4.197   0.003   1.00 59.82 ? 6  DT  B N1    1 
ATOM   315 C  C2    . DT  B 1 6  ? 0.454   2.886   -0.324  1.00 60.58 ? 6  DT  B C2    1 
ATOM   316 O  O2    . DT  B 1 6  ? 1.552   2.365   -0.159  1.00 48.42 ? 6  DT  B O2    1 
ATOM   317 N  N3    . DT  B 1 6  ? -0.602  2.196   -0.864  1.00 54.62 ? 6  DT  B N3    1 
ATOM   318 C  C4    . DT  B 1 6  ? -1.877  2.652   -1.127  1.00 51.73 ? 6  DT  B C4    1 
ATOM   319 O  O4    . DT  B 1 6  ? -2.725  1.905   -1.634  1.00 53.97 ? 6  DT  B O4    1 
ATOM   320 C  C5    . DT  B 1 6  ? -2.120  4.033   -0.761  1.00 51.71 ? 6  DT  B C5    1 
ATOM   321 C  C7    . DT  B 1 6  ? -3.476  4.653   -0.983  1.00 45.06 ? 6  DT  B C7    1 
ATOM   322 C  C6    . DT  B 1 6  ? -1.106  4.731   -0.219  1.00 51.54 ? 6  DT  B C6    1 
ATOM   323 P  P     . DA  B 1 7  ? 4.852   7.528   0.370   1.00 53.44 ? 7  DA  B P     1 
ATOM   324 O  OP1   . DA  B 1 7  ? 5.233   8.353   1.554   1.00 59.43 ? 7  DA  B OP1   1 
ATOM   325 O  OP2   . DA  B 1 7  ? 4.331   8.165   -0.874  1.00 56.70 ? 7  DA  B OP2   1 
ATOM   326 O  "O5'" . DA  B 1 7  ? 6.088   6.580   0.026   1.00 58.33 ? 7  DA  B "O5'" 1 
ATOM   327 C  "C5'" . DA  B 1 7  ? 6.509   5.561   0.940   1.00 56.57 ? 7  DA  B "C5'" 1 
ATOM   328 C  "C4'" . DA  B 1 7  ? 6.733   4.266   0.172   1.00 64.37 ? 7  DA  B "C4'" 1 
ATOM   329 O  "O4'" . DA  B 1 7  ? 5.459   3.807   -0.352  1.00 52.14 ? 7  DA  B "O4'" 1 
ATOM   330 C  "C3'" . DA  B 1 7  ? 7.674   4.363   -1.032  1.00 55.77 ? 7  DA  B "C3'" 1 
ATOM   331 O  "O3'" . DA  B 1 7  ? 8.588   3.280   -0.986  1.00 54.62 ? 7  DA  B "O3'" 1 
ATOM   332 C  "C2'" . DA  B 1 7  ? 6.766   4.265   -2.257  1.00 49.77 ? 7  DA  B "C2'" 1 
ATOM   333 C  "C1'" . DA  B 1 7  ? 5.619   3.433   -1.698  1.00 51.97 ? 7  DA  B "C1'" 1 
ATOM   334 N  N9    . DA  B 1 7  ? 4.306   3.650   -2.281  1.00 44.56 ? 7  DA  B N9    1 
ATOM   335 C  C8    . DA  B 1 7  ? 3.585   4.812   -2.334  1.00 53.21 ? 7  DA  B C8    1 
ATOM   336 N  N7    . DA  B 1 7  ? 2.423   4.674   -2.921  1.00 50.66 ? 7  DA  B N7    1 
ATOM   337 C  C5    . DA  B 1 7  ? 2.380   3.330   -3.266  1.00 49.33 ? 7  DA  B C5    1 
ATOM   338 C  C6    . DA  B 1 7  ? 1.400   2.537   -3.908  1.00 55.14 ? 7  DA  B C6    1 
ATOM   339 N  N6    . DA  B 1 7  ? 0.211   3.002   -4.358  1.00 43.74 ? 7  DA  B N6    1 
ATOM   340 N  N1    . DA  B 1 7  ? 1.709   1.231   -4.082  1.00 52.84 ? 7  DA  B N1    1 
ATOM   341 C  C2    . DA  B 1 7  ? 2.879   0.751   -3.644  1.00 57.02 ? 7  DA  B C2    1 
ATOM   342 N  N3    . DA  B 1 7  ? 3.867   1.394   -3.024  1.00 44.21 ? 7  DA  B N3    1 
ATOM   343 C  C4    . DA  B 1 7  ? 3.539   2.685   -2.870  1.00 45.66 ? 7  DA  B C4    1 
ATOM   344 P  P     . DT  B 1 8  ? 9.913   3.235   -1.898  1.00 54.80 ? 8  DT  B P     1 
ATOM   345 O  OP1   . DT  B 1 8  ? 10.983  2.553   -1.119  1.00 49.21 ? 8  DT  B OP1   1 
ATOM   346 O  OP2   . DT  B 1 8  ? 10.103  4.601   -2.445  1.00 54.40 ? 8  DT  B OP2   1 
ATOM   347 O  "O5'" . DT  B 1 8  ? 9.466   2.347   -3.158  1.00 53.80 ? 8  DT  B "O5'" 1 
ATOM   348 C  "C5'" . DT  B 1 8  ? 9.021   1.016   -3.005  1.00 46.38 ? 8  DT  B "C5'" 1 
ATOM   349 C  "C4'" . DT  B 1 8  ? 8.243   0.604   -4.244  1.00 67.93 ? 8  DT  B "C4'" 1 
ATOM   350 O  "O4'" . DT  B 1 8  ? 7.036   1.378   -4.368  1.00 46.97 ? 8  DT  B "O4'" 1 
ATOM   351 C  "C3'" . DT  B 1 8  ? 8.979   0.822   -5.567  1.00 56.51 ? 8  DT  B "C3'" 1 
ATOM   352 O  "O3'" . DT  B 1 8  ? 9.378   -0.440  -6.102  1.00 51.44 ? 8  DT  B "O3'" 1 
ATOM   353 C  "C2'" . DT  B 1 8  ? 7.970   1.536   -6.449  1.00 48.13 ? 8  DT  B "C2'" 1 
ATOM   354 C  "C1'" . DT  B 1 8  ? 6.682   1.257   -5.719  1.00 45.24 ? 8  DT  B "C1'" 1 
ATOM   355 N  N1    . DT  B 1 8  ? 5.577   2.207   -5.940  1.00 53.70 ? 8  DT  B N1    1 
ATOM   356 C  C2    . DT  B 1 8  ? 4.376   1.728   -6.410  1.00 58.82 ? 8  DT  B C2    1 
ATOM   357 O  O2    . DT  B 1 8  ? 4.176   0.552   -6.696  1.00 45.99 ? 8  DT  B O2    1 
ATOM   358 N  N3    . DT  B 1 8  ? 3.418   2.704   -6.534  1.00 51.41 ? 8  DT  B N3    1 
ATOM   359 C  C4    . DT  B 1 8  ? 3.524   4.051   -6.251  1.00 46.99 ? 8  DT  B C4    1 
ATOM   360 O  O4    . DT  B 1 8  ? 2.586   4.812   -6.407  1.00 51.38 ? 8  DT  B O4    1 
ATOM   361 C  C5    . DT  B 1 8  ? 4.811   4.475   -5.755  1.00 57.90 ? 8  DT  B C5    1 
ATOM   362 C  C7    . DT  B 1 8  ? 5.060   5.912   -5.396  1.00 43.04 ? 8  DT  B C7    1 
ATOM   363 C  C6    . DT  B 1 8  ? 5.759   3.540   -5.627  1.00 55.94 ? 8  DT  B C6    1 
ATOM   364 P  P     . DA  B 1 9  ? 10.253  -0.542  -7.432  1.00 50.38 ? 9  DA  B P     1 
ATOM   365 O  OP1   . DA  B 1 9  ? 11.107  -1.743  -7.284  1.00 47.04 ? 9  DA  B OP1   1 
ATOM   366 O  OP2   . DA  B 1 9  ? 10.847  0.791   -7.692  1.00 53.07 ? 9  DA  B OP2   1 
ATOM   367 O  "O5'" . DA  B 1 9  ? 9.138   -0.809  -8.542  1.00 46.22 ? 9  DA  B "O5'" 1 
ATOM   368 C  "C5'" . DA  B 1 9  ? 8.356   -1.997  -8.397  1.00 55.53 ? 9  DA  B "C5'" 1 
ATOM   369 C  "C4'" . DA  B 1 9  ? 7.364   -2.132  -9.529  1.00 64.01 ? 9  DA  B "C4'" 1 
ATOM   370 O  "O4'" . DA  B 1 9  ? 6.338   -1.139  -9.341  1.00 47.78 ? 9  DA  B "O4'" 1 
ATOM   371 C  "C3'" . DA  B 1 9  ? 7.956   -1.879  -10.910 1.00 55.96 ? 9  DA  B "C3'" 1 
ATOM   372 O  "O3'" . DA  B 1 9  ? 7.424   -2.808  -11.853 1.00 40.96 ? 9  DA  B "O3'" 1 
ATOM   373 C  "C2'" . DA  B 1 9  ? 7.540   -0.437  -11.175 1.00 49.82 ? 9  DA  B "C2'" 1 
ATOM   374 C  "C1'" . DA  B 1 9  ? 6.154   -0.385  -10.531 1.00 38.75 ? 9  DA  B "C1'" 1 
ATOM   375 N  N9    . DA  B 1 9  ? 5.626   0.955   -10.195 1.00 49.29 ? 9  DA  B N9    1 
ATOM   376 C  C8    . DA  B 1 9  ? 6.271   1.987   -9.562  1.00 46.86 ? 9  DA  B C8    1 
ATOM   377 N  N7    . DA  B 1 9  ? 5.549   3.070   -9.397  1.00 45.64 ? 9  DA  B N7    1 
ATOM   378 C  C5    . DA  B 1 9  ? 4.332   2.720   -9.950  1.00 49.17 ? 9  DA  B C5    1 
ATOM   379 C  C6    . DA  B 1 9  ? 3.123   3.438   -10.092 1.00 56.18 ? 9  DA  B C6    1 
ATOM   380 N  N6    . DA  B 1 9  ? 2.947   4.705   -9.656  1.00 39.11 ? 9  DA  B N6    1 
ATOM   381 N  N1    . DA  B 1 9  ? 2.110   2.788   -10.713 1.00 46.71 ? 9  DA  B N1    1 
ATOM   382 C  C2    . DA  B 1 9  ? 2.278   1.524   -11.135 1.00 49.46 ? 9  DA  B C2    1 
ATOM   383 N  N3    . DA  B 1 9  ? 3.364   0.757   -11.061 1.00 57.81 ? 9  DA  B N3    1 
ATOM   384 C  C4    . DA  B 1 9  ? 4.361   1.422   -10.446 1.00 50.23 ? 9  DA  B C4    1 
ATOM   385 P  P     . DT  B 1 10 ? 7.927   -2.784  -13.371 1.00 47.43 ? 10 DT  B P     1 
ATOM   386 O  OP1   . DT  B 1 10 ? 7.936   -4.177  -13.893 1.00 41.26 ? 10 DT  B OP1   1 
ATOM   387 O  OP2   . DT  B 1 10 ? 9.148   -1.939  -13.442 1.00 48.77 ? 10 DT  B OP2   1 
ATOM   388 O  "O5'" . DT  B 1 10 ? 6.747   -1.970  -14.070 1.00 58.75 ? 10 DT  B "O5'" 1 
ATOM   389 C  "C5'" . DT  B 1 10 ? 5.442   -2.532  -14.171 1.00 41.92 ? 10 DT  B "C5'" 1 
ATOM   390 C  "C4'" . DT  B 1 10 ? 4.559   -1.522  -14.862 1.00 53.29 ? 10 DT  B "C4'" 1 
ATOM   391 O  "O4'" . DT  B 1 10 ? 4.476   -0.355  -14.004 1.00 49.11 ? 10 DT  B "O4'" 1 
ATOM   392 C  "C3'" . DT  B 1 10 ? 5.114   -1.030  -16.206 1.00 59.28 ? 10 DT  B "C3'" 1 
ATOM   393 O  "O3'" . DT  B 1 10 ? 4.189   -1.263  -17.261 1.00 48.51 ? 10 DT  B "O3'" 1 
ATOM   394 C  "C2'" . DT  B 1 10 ? 5.338   0.457   -15.999 1.00 49.09 ? 10 DT  B "C2'" 1 
ATOM   395 C  "C1'" . DT  B 1 10 ? 4.363   0.757   -14.856 1.00 68.72 ? 10 DT  B "C1'" 1 
ATOM   396 N  N1    . DT  B 1 10 ? 4.614   2.055   -14.112 1.00 58.66 ? 10 DT  B N1    1 
ATOM   397 C  C2    . DT  B 1 10 ? 3.566   2.954   -13.963 1.00 55.79 ? 10 DT  B C2    1 
ATOM   398 O  O2    . DT  B 1 10 ? 2.436   2.765   -14.381 1.00 45.84 ? 10 DT  B O2    1 
ATOM   399 N  N3    . DT  B 1 10 ? 3.905   4.108   -13.294 1.00 45.67 ? 10 DT  B N3    1 
ATOM   400 C  C4    . DT  B 1 10 ? 5.149   4.448   -12.787 1.00 43.79 ? 10 DT  B C4    1 
ATOM   401 O  O4    . DT  B 1 10 ? 5.339   5.521   -12.217 1.00 47.21 ? 10 DT  B O4    1 
ATOM   402 C  C5    . DT  B 1 10 ? 6.193   3.468   -12.984 1.00 46.60 ? 10 DT  B C5    1 
ATOM   403 C  C7    . DT  B 1 10 ? 7.582   3.717   -12.475 1.00 43.49 ? 10 DT  B C7    1 
ATOM   404 C  C6    . DT  B 1 10 ? 5.882   2.335   -13.623 1.00 37.07 ? 10 DT  B C6    1 
HETATM 405 C  C1    . PNT C 2 .  ? 6.468   -1.400  -1.570  1.00 55.04 ? 11 PNT A C1    1 
HETATM 406 C  C2    . PNT C 2 .  ? 5.318   -1.675  -2.323  1.00 42.60 ? 11 PNT A C2    1 
HETATM 407 C  C3    . PNT C 2 .  ? 5.403   -2.489  -3.442  1.00 48.78 ? 11 PNT A C3    1 
HETATM 408 C  C4    . PNT C 2 .  ? 6.638   -3.029  -3.815  1.00 51.98 ? 11 PNT A C4    1 
HETATM 409 C  C5    . PNT C 2 .  ? 7.780   -2.767  -3.058  1.00 52.29 ? 11 PNT A C5    1 
HETATM 410 C  C6    . PNT C 2 .  ? 7.698   -1.959  -1.934  1.00 54.74 ? 11 PNT A C6    1 
HETATM 411 C  C7    . PNT C 2 .  ? 5.188   -0.111  0.079   1.00 57.02 ? 11 PNT A C7    1 
HETATM 412 C  C8    . PNT C 2 .  ? 5.432   0.512   1.438   1.00 50.75 ? 11 PNT A C8    1 
HETATM 413 C  C9    . PNT C 2 .  ? 6.724   -3.892  -5.033  1.00 52.58 ? 11 PNT A C9    1 
HETATM 414 C  C10   . PNT C 2 .  ? 4.121   1.078   1.952   1.00 49.55 ? 11 PNT A C10   1 
HETATM 415 C  "C1'" . PNT C 2 .  ? 2.407   4.237   5.226   1.00 56.77 ? 11 PNT A "C1'" 1 
HETATM 416 C  "C2'" . PNT C 2 .  ? 1.148   3.639   5.240   1.00 49.06 ? 11 PNT A "C2'" 1 
HETATM 417 C  "C3'" . PNT C 2 .  ? 0.129   4.202   5.989   1.00 46.53 ? 11 PNT A "C3'" 1 
HETATM 418 C  "C4'" . PNT C 2 .  ? 0.348   5.357   6.733   1.00 47.66 ? 11 PNT A "C4'" 1 
HETATM 419 C  "C5'" . PNT C 2 .  ? 1.612   5.943   6.713   1.00 43.74 ? 11 PNT A "C5'" 1 
HETATM 420 C  "C6'" . PNT C 2 .  ? 2.635   5.389   5.964   1.00 53.82 ? 11 PNT A "C6'" 1 
HETATM 421 C  "C7'" . PNT C 2 .  ? 3.196   2.602   3.629   1.00 61.68 ? 11 PNT A "C7'" 1 
HETATM 422 C  "C8'" . PNT C 2 .  ? 4.386   2.362   2.717   1.00 43.93 ? 11 PNT A "C8'" 1 
HETATM 423 C  "C9'" . PNT C 2 .  ? -0.757  5.972   7.564   1.00 50.06 ? 11 PNT A "C9'" 1 
HETATM 424 O  O1    . PNT C 2 .  ? 6.418   -0.597  -0.453  1.00 53.73 ? 11 PNT A O1    1 
HETATM 425 O  "O1'" . PNT C 2 .  ? 3.437   3.710   4.491   1.00 47.36 ? 11 PNT A "O1'" 1 
HETATM 426 N  N1    . PNT C 2 .  ? 5.753   -3.932  -5.844  1.00 43.82 ? 11 PNT A N1    1 
HETATM 427 N  N2    . PNT C 2 .  ? 7.832   -4.594  -5.278  1.00 60.03 ? 11 PNT A N2    1 
HETATM 428 N  "N1'" . PNT C 2 .  ? -1.796  5.329   7.889   1.00 34.97 ? 11 PNT A "N1'" 1 
HETATM 429 N  "N2'" . PNT C 2 .  ? -0.634  7.218   7.994   1.00 44.77 ? 11 PNT A "N2'" 1 
HETATM 430 MG MG    . MG  D 3 .  ? 2.885   -3.663  -10.232 1.00 48.41 ? 11 MG  B MG    1 
HETATM 431 O  O     . HOH E 4 .  ? 8.995   -5.888  -2.700  1.00 44.72 ? 12 HOH A O     1 
HETATM 432 O  O     . HOH E 4 .  ? -6.146  0.434   -8.586  1.00 44.04 ? 13 HOH A O     1 
HETATM 433 O  O     . HOH E 4 .  ? -4.929  2.440   9.344   1.00 34.66 ? 14 HOH A O     1 
HETATM 434 O  O     . HOH E 4 .  ? 1.163   -6.583  8.338   1.00 49.89 ? 15 HOH A O     1 
HETATM 435 O  O     . HOH E 4 .  ? -5.182  9.576   -9.726  1.00 46.55 ? 16 HOH A O     1 
HETATM 436 O  O     . HOH E 4 .  ? -6.361  7.417   -6.603  1.00 56.39 ? 17 HOH A O     1 
HETATM 437 O  O     . HOH E 4 .  ? 0.753   -3.322  16.265  1.00 49.17 ? 18 HOH A O     1 
HETATM 438 O  O     . HOH E 4 .  ? 8.811   -7.440  1.047   1.00 52.71 ? 19 HOH A O     1 
HETATM 439 O  O     . HOH E 4 .  ? -7.872  11.011  -14.220 1.00 49.00 ? 20 HOH A O     1 
HETATM 440 O  O     . HOH E 4 .  ? 7.543   5.048   10.959  1.00 53.99 ? 21 HOH A O     1 
HETATM 441 O  O     . HOH E 4 .  ? -4.491  1.319   17.248  1.00 48.27 ? 22 HOH A O     1 
HETATM 442 O  O     . HOH E 4 .  ? -6.795  -1.717  -7.901  1.00 50.30 ? 23 HOH A O     1 
HETATM 443 O  O     . HOH E 4 .  ? -3.834  14.591  -10.807 1.00 55.21 ? 24 HOH A O     1 
HETATM 444 O  O     . HOH E 4 .  ? -4.751  5.496   -16.997 1.00 52.22 ? 25 HOH A O     1 
HETATM 445 O  O     . HOH E 4 .  ? -2.100  5.273   -15.928 1.00 52.42 ? 26 HOH A O     1 
HETATM 446 O  O     . HOH E 4 .  ? 0.953   -2.713  -9.839  1.00 48.26 ? 27 HOH A O     1 
HETATM 447 O  O     . HOH E 4 .  ? 2.478   -6.050  -9.012  1.00 52.02 ? 28 HOH A O     1 
HETATM 448 O  O     . HOH E 4 .  ? 1.408   -4.775  -11.541 1.00 46.58 ? 29 HOH A O     1 
HETATM 449 O  O     . HOH E 4 .  ? -5.531  0.028   19.159  1.00 50.47 ? 30 HOH A O     1 
HETATM 450 O  O     . HOH E 4 .  ? 5.534   5.029   4.220   1.00 46.79 ? 32 HOH A O     1 
HETATM 451 O  O     . HOH E 4 .  ? 0.650   1.919   14.827  1.00 45.09 ? 33 HOH A O     1 
HETATM 452 O  O     . HOH E 4 .  ? 1.794   -1.907  12.928  1.00 46.93 ? 34 HOH A O     1 
HETATM 453 O  O     . HOH E 4 .  ? -2.702  2.282   7.910   1.00 44.86 ? 35 HOH A O     1 
HETATM 454 O  O     . HOH E 4 .  ? 3.488   8.092   13.828  1.00 59.98 ? 36 HOH A O     1 
HETATM 455 O  O     . HOH E 4 .  ? -8.346  9.477   -16.140 1.00 51.69 ? 37 HOH A O     1 
HETATM 456 O  O     . HOH E 4 .  ? 4.690   -0.658  11.276  1.00 52.45 ? 38 HOH A O     1 
HETATM 457 O  O     . HOH E 4 .  ? 6.371   -4.200  8.325   1.00 57.47 ? 39 HOH A O     1 
HETATM 458 O  O     . HOH F 4 .  ? 15.020  2.615   -12.093 1.00 51.96 ? 31 HOH B O     1 
HETATM 459 O  O     . HOH F 4 .  ? 3.785   -1.841  -6.311  1.00 39.31 ? 32 HOH B O     1 
HETATM 460 O  O     . HOH F 4 .  ? 3.893   -2.437  -9.169  1.00 40.75 ? 33 HOH B O     1 
HETATM 461 O  O     . HOH F 4 .  ? 11.669  1.326   -12.384 1.00 51.61 ? 34 HOH B O     1 
HETATM 462 O  O     . HOH F 4 .  ? 0.915   9.123   6.244   1.00 44.02 ? 35 HOH B O     1 
HETATM 463 O  O     . HOH F 4 .  ? 0.108   5.998   -3.710  1.00 53.74 ? 36 HOH B O     1 
HETATM 464 O  O     . HOH F 4 .  ? 2.020   7.593   -6.632  1.00 48.29 ? 37 HOH B O     1 
HETATM 465 O  O     . HOH F 4 .  ? -9.500  -13.734 14.008  1.00 44.37 ? 38 HOH B O     1 
HETATM 466 O  O     . HOH F 4 .  ? 11.236  -3.033  -10.061 1.00 47.88 ? 39 HOH B O     1 
HETATM 467 O  O     . HOH F 4 .  ? -4.658  -7.783  5.988   1.00 47.37 ? 40 HOH B O     1 
HETATM 468 O  O     . HOH F 4 .  ? -5.551  6.834   0.535   1.00 56.64 ? 41 HOH B O     1 
HETATM 469 O  O     . HOH F 4 .  ? 8.584   5.118   -5.308  1.00 51.30 ? 42 HOH B O     1 
HETATM 470 O  O     . HOH F 4 .  ? 14.063  -1.954  -6.769  1.00 57.16 ? 43 HOH B O     1 
HETATM 471 O  O     . HOH F 4 .  ? -6.750  1.336   0.712   1.00 49.31 ? 44 HOH B O     1 
HETATM 472 O  O     . HOH F 4 .  ? -8.634  -5.566  3.636   1.00 42.41 ? 45 HOH B O     1 
HETATM 473 O  O     . HOH F 4 .  ? 1.236   1.458   -15.759 1.00 53.78 ? 46 HOH B O     1 
HETATM 474 O  O     . HOH F 4 .  ? 12.868  2.244   -5.544  1.00 52.69 ? 47 HOH B O     1 
HETATM 475 O  O     . HOH F 4 .  ? 10.788  -3.118  -4.904  1.00 52.95 ? 48 HOH B O     1 
HETATM 476 O  O     . HOH F 4 .  ? 13.000  0.655   -10.171 1.00 55.87 ? 49 HOH B O     1 
HETATM 477 O  O     . HOH F 4 .  ? 14.161  -0.351  -12.385 1.00 58.06 ? 50 HOH B O     1 
HETATM 478 O  O     . HOH F 4 .  ? 9.774   1.936   -9.893  1.00 57.10 ? 51 HOH B O     1 
HETATM 479 O  O     . HOH F 4 .  ? 11.626  -1.058  -11.941 1.00 47.14 ? 52 HOH B O     1 
HETATM 480 O  O     . HOH F 4 .  ? 3.065   -2.269  -11.726 1.00 39.17 ? 53 HOH B O     1 
HETATM 481 O  O     . HOH F 4 .  ? 5.150   -4.221  -11.047 1.00 55.36 ? 54 HOH B O     1 
# 
